data_7KZB
#
_entry.id   7KZB
#
_cell.length_a   50.183
_cell.length_b   147.674
_cell.length_c   157.199
_cell.angle_alpha   90.000
_cell.angle_beta   90.000
_cell.angle_gamma   90.000
#
_symmetry.space_group_name_H-M   'P 21 21 21'
#
loop_
_entity.id
_entity.type
_entity.pdbx_description
1 polymer 'Fab heavy chain of CR3014-C8 antibody'
2 polymer 'Fab light chain of CR3014-C8 antibody'
3 polymer 'Spike glycoprotein'
4 polymer 'Fab heavy chain of CR3022-B6 antibody'
5 polymer 'Fab light chain of CR3022-B6 antibody'
6 branched 2-acetamido-2-deoxy-beta-D-glucopyranose-(1-4)-[alpha-L-fucopyranose-(1-6)]2-acetamido-2-deoxy-beta-D-glucopyranose
7 non-polymer 'CHLORIDE ION'
8 water water
#
loop_
_entity_poly.entity_id
_entity_poly.type
_entity_poly.pdbx_seq_one_letter_code
_entity_poly.pdbx_strand_id
1 'polypeptide(L)'
;EVQLVESGGGLVQPGGSLRLSCAASGFTFSDHYMDWVRQAPGKGLEWVGRTRNKANSYTTEYAASVKGRFTISRDDSKNS
LYLQMNSLKTEDTAVYYCARGISPFYFDYWGQGTLVTVSSASTKGPSVFPLAPSSKSTSGGTAALGCLVKDYFPEPVTVS
WNSGALTSGVHTFPAVLQSSGLYSLSSVVTVPSSSLGTQTYICNVNHKPSNTKVDKKVEPKSCGSHHHHHH
;
H
2 'polypeptide(L)'
;DIQMTQSPSSLSASVGDRVTITCRASQYIYDSLNWYQQKPGKAPKLLIYDSSYLQSGVPSRFSGSGSGTDFTLTISSLQP
EDFATYYCQQSWDTPVTFGQGTKVEIKRTVAAPSVFIFPPSDEQLKSGTASVVCLLNNFYPREAKVQWKVDNALQSGNSQ
ESVTEQDSKDSTYSLSSTLTLSKADYEKHKVYACEVTHQGLSSPVTKSFNRGEC
;
L
3 'polypeptide(L)'
;TNLCPFGEVFNATRFASVYAWNRKRISNCVADYSVLYNSASFSTFKCYGVSPTKLNDLCFTNVYADSFVIRGDEVRQIAP
GQTGKIADYNYKLPDDFTGCVIAWNSNNLDSKVGGNYNYLYRLFRKSNLKPFERDISTEIYQAGSTPCNGVEGFNCYFPL
QSYGFQPTNGVGYQPYRVVVLSFELLHAPATVCGPKGSHHHHHH
;
C
4 'polypeptide(L)'
;QMQLVQSGTEVKKPGESLKISCKGSGYGFITYWIGWVRQMPGKGLEWMGIIYPGDSETRYSPSFQGQVTISADKSINTAY
LQWSSLKASDTAIYYCAGGSGISTPMDVWGQGTTVTVSSASTKGPSVFPLAPSSKSTSGGTAALGCLVKDYFPEPVTVSW
NSGALTSGVHTFPAVLQSSGLYSLSSVVTVPSSSLGTQTYICNVNHKPSNTKVDKKVEPKSCGSHHHHHH
;
A
5 'polypeptide(L)'
;DIQMTQSPSSLSASVGDRVTITCRASQSIYSALNWYQQKPGKAPKLLIYAASALQSGVPSRFSGSGSGTDFTLTISSLQP
EDFATYYCQQTDIHPYTFGQGTKVEIKRTVAAPSVFIFPPSDEQLKSGTASVVCLLNNFYPREAKVQWKVDNALQSGNSQ
ESVTEQDSKDSTYSLSSTLTLSKADYEKHKVYACEVTHQGLSSPVTKSFNRGEC
;
B
#
loop_
_chem_comp.id
_chem_comp.type
_chem_comp.name
_chem_comp.formula
CL non-polymer 'CHLORIDE ION' 'Cl -1'
FUC L-saccharide, alpha linking alpha-L-fucopyranose 'C6 H12 O5'
NAG D-saccharide, beta linking 2-acetamido-2-deoxy-beta-D-glucopyranose 'C8 H15 N O6'
#
# COMPACT_ATOMS: atom_id res chain seq x y z
N GLU A 1 -7.60 16.43 2.86
CA GLU A 1 -6.81 15.26 3.35
C GLU A 1 -6.80 15.24 4.89
N VAL A 2 -6.08 14.26 5.47
CA VAL A 2 -5.65 14.28 6.90
C VAL A 2 -4.53 15.33 6.96
N GLN A 3 -4.66 16.30 7.86
CA GLN A 3 -3.69 17.40 8.03
C GLN A 3 -3.56 17.69 9.52
N LEU A 4 -2.33 17.60 10.03
CA LEU A 4 -1.92 18.10 11.36
C LEU A 4 -0.89 19.20 11.14
N VAL A 5 -1.15 20.45 11.56
CA VAL A 5 -0.10 21.53 11.47
C VAL A 5 0.21 22.12 12.85
N GLU A 6 1.47 21.98 13.27
CA GLU A 6 2.01 22.47 14.58
C GLU A 6 2.41 23.93 14.44
N SER A 7 2.44 24.69 15.54
CA SER A 7 2.82 26.13 15.59
C SER A 7 3.38 26.54 16.97
N GLY A 8 3.99 27.72 17.06
CA GLY A 8 4.44 28.32 18.33
C GLY A 8 5.94 28.14 18.53
N GLY A 9 6.55 27.34 17.69
CA GLY A 9 7.97 27.06 17.88
C GLY A 9 8.75 28.33 17.68
N GLY A 10 9.72 28.60 18.54
CA GLY A 10 10.83 29.51 18.19
C GLY A 10 11.75 29.66 19.36
N LEU A 11 12.47 30.79 19.39
CA LEU A 11 13.59 30.99 20.34
C LEU A 11 13.02 31.40 21.70
N VAL A 12 13.45 30.75 22.77
CA VAL A 12 12.93 31.01 24.14
C VAL A 12 14.05 30.86 25.14
N GLN A 13 14.08 31.69 26.17
CA GLN A 13 15.22 31.70 27.10
C GLN A 13 15.06 30.58 28.12
N PRO A 14 16.18 29.98 28.56
CA PRO A 14 16.17 29.00 29.65
C PRO A 14 15.31 29.50 30.80
N GLY A 15 14.30 28.73 31.21
CA GLY A 15 13.46 29.05 32.37
C GLY A 15 12.18 29.74 31.95
N GLY A 16 12.09 30.16 30.69
CA GLY A 16 10.87 30.77 30.10
C GLY A 16 9.90 29.72 29.60
N SER A 17 8.62 30.05 29.54
CA SER A 17 7.54 29.18 29.03
C SER A 17 7.23 29.50 27.57
N LEU A 18 6.95 28.46 26.80
CA LEU A 18 6.32 28.60 25.48
C LEU A 18 5.16 27.60 25.41
N ARG A 19 4.21 27.82 24.52
CA ARG A 19 3.11 26.87 24.32
C ARG A 19 2.92 26.69 22.82
N LEU A 20 2.89 25.43 22.39
CA LEU A 20 2.70 25.03 20.98
C LEU A 20 1.28 24.53 20.82
N SER A 21 0.76 24.67 19.61
CA SER A 21 -0.58 24.23 19.19
C SER A 21 -0.45 23.22 18.05
N CYS A 22 -1.28 22.18 18.03
CA CYS A 22 -1.40 21.24 16.88
C CYS A 22 -2.82 21.40 16.34
N ALA A 23 -2.95 21.91 15.11
CA ALA A 23 -4.23 22.18 14.45
C ALA A 23 -4.56 21.06 13.46
N ALA A 24 -5.70 20.40 13.67
CA ALA A 24 -6.07 19.09 13.09
C ALA A 24 -7.25 19.22 12.11
N SER A 25 -7.07 18.83 10.85
CA SER A 25 -8.18 18.81 9.85
C SER A 25 -8.33 17.41 9.22
N GLY A 26 -9.54 17.13 8.74
CA GLY A 26 -9.85 16.02 7.81
C GLY A 26 -10.30 14.78 8.55
N PHE A 27 -10.71 14.91 9.81
CA PHE A 27 -11.11 13.76 10.64
C PHE A 27 -11.74 14.21 11.94
N THR A 28 -12.39 13.26 12.61
CA THR A 28 -13.15 13.48 13.86
C THR A 28 -12.16 13.54 15.02
N PHE A 29 -11.62 14.73 15.23
CA PHE A 29 -10.64 15.02 16.29
C PHE A 29 -11.05 14.32 17.57
N SER A 30 -12.32 14.35 17.96
CA SER A 30 -12.80 13.75 19.23
C SER A 30 -12.47 12.25 19.23
N ASP A 31 -12.64 11.58 18.08
CA ASP A 31 -12.54 10.10 17.93
C ASP A 31 -11.11 9.63 18.25
N HIS A 32 -10.12 10.35 17.72
CA HIS A 32 -8.70 9.94 17.64
C HIS A 32 -7.93 10.32 18.90
N TYR A 33 -6.92 9.52 19.22
CA TYR A 33 -5.91 9.82 20.26
C TYR A 33 -4.87 10.74 19.60
N MET A 34 -4.34 11.71 20.34
CA MET A 34 -3.34 12.70 19.85
C MET A 34 -2.24 12.80 20.89
N ASP A 35 -0.99 12.69 20.45
CA ASP A 35 0.20 12.68 21.32
C ASP A 35 1.16 13.76 20.82
N TRP A 36 2.10 14.18 21.65
CA TRP A 36 3.24 15.01 21.20
C TRP A 36 4.47 14.10 21.21
N VAL A 37 5.30 14.14 20.17
CA VAL A 37 6.60 13.40 20.16
C VAL A 37 7.72 14.37 19.73
N ARG A 38 8.83 14.40 20.46
CA ARG A 38 9.91 15.36 20.16
C ARG A 38 11.20 14.63 19.74
N GLN A 39 12.05 15.45 19.10
CA GLN A 39 13.35 15.06 18.51
C GLN A 39 14.31 16.25 18.52
N ALA A 40 15.19 16.30 19.51
CA ALA A 40 16.33 17.23 19.51
C ALA A 40 17.13 17.01 18.22
N PRO A 41 17.89 18.00 17.69
CA PRO A 41 18.50 17.86 16.37
C PRO A 41 19.55 16.75 16.39
N GLY A 42 19.54 15.91 15.36
CA GLY A 42 20.41 14.71 15.19
C GLY A 42 20.33 13.77 16.37
N LYS A 43 19.16 13.62 17.00
CA LYS A 43 18.95 12.58 18.04
C LYS A 43 17.68 11.80 17.70
N GLY A 44 17.26 10.91 18.60
CA GLY A 44 16.14 9.97 18.32
C GLY A 44 14.78 10.49 18.73
N LEU A 45 13.73 9.70 18.49
CA LEU A 45 12.32 10.11 18.74
C LEU A 45 12.01 9.93 20.22
N GLU A 46 11.55 11.00 20.89
CA GLU A 46 11.21 10.99 22.33
C GLU A 46 9.72 11.39 22.56
N TRP A 47 8.93 10.47 23.14
CA TRP A 47 7.50 10.71 23.47
C TRP A 47 7.45 11.74 24.59
N VAL A 48 6.60 12.76 24.41
CA VAL A 48 6.37 13.85 25.40
C VAL A 48 5.14 13.46 26.24
N GLY A 49 3.99 13.26 25.58
CA GLY A 49 2.78 12.75 26.23
C GLY A 49 1.61 12.54 25.29
N ARG A 50 0.50 12.13 25.89
CA ARG A 50 -0.75 11.65 25.24
C ARG A 50 -1.95 12.39 25.82
N THR A 51 -2.94 12.65 24.97
CA THR A 51 -4.35 12.78 25.43
C THR A 51 -5.18 11.68 24.79
N ARG A 52 -5.96 10.93 25.57
CA ARG A 52 -6.84 9.89 25.01
C ARG A 52 -7.96 10.58 24.26
N ASN A 53 -8.87 9.80 23.65
CA ASN A 53 -9.97 10.35 22.80
C ASN A 53 -11.19 10.68 23.67
N LYS A 54 -12.19 11.32 23.08
CA LYS A 54 -13.44 11.79 23.79
C LYS A 54 -14.07 10.65 24.59
N ALA A 55 -14.12 9.43 24.04
CA ALA A 55 -14.71 8.27 24.76
C ALA A 55 -13.96 8.03 26.08
N ASN A 56 -12.66 8.34 26.15
CA ASN A 56 -11.91 8.12 27.42
C ASN A 56 -11.67 9.48 28.05
N SER A 57 -12.77 10.20 28.29
CA SER A 57 -12.64 11.59 28.76
C SER A 57 -11.66 12.19 27.76
N TYR A 58 -10.57 12.79 28.20
CA TYR A 58 -9.47 13.13 27.27
C TYR A 58 -8.15 12.94 28.02
N THR A 59 -8.08 11.81 28.70
CA THR A 59 -7.26 11.61 29.91
C THR A 59 -5.78 11.59 29.46
N THR A 60 -4.85 12.00 30.32
CA THR A 60 -3.46 12.34 29.89
C THR A 60 -2.40 11.53 30.61
N GLU A 61 -1.34 11.20 29.88
CA GLU A 61 -0.06 10.60 30.34
C GLU A 61 1.09 11.51 29.91
N TYR A 62 2.12 11.63 30.72
CA TYR A 62 3.33 12.41 30.38
C TYR A 62 4.54 11.50 30.45
N ALA A 63 5.57 11.80 29.66
CA ALA A 63 6.91 11.22 29.83
C ALA A 63 7.46 11.86 31.10
N ALA A 64 8.34 11.19 31.85
CA ALA A 64 8.92 11.71 33.10
C ALA A 64 9.80 12.96 32.82
N SER A 65 10.54 12.98 31.71
CA SER A 65 11.37 14.16 31.33
C SER A 65 10.55 15.46 31.41
N VAL A 66 9.26 15.46 31.05
CA VAL A 66 8.44 16.70 30.99
C VAL A 66 7.39 16.71 32.10
N LYS A 67 7.25 15.66 32.91
CA LYS A 67 6.16 15.64 33.90
C LYS A 67 6.32 16.85 34.80
N GLY A 68 5.22 17.40 35.30
CA GLY A 68 5.25 18.49 36.27
C GLY A 68 5.55 19.83 35.64
N ARG A 69 6.19 19.89 34.47
CA ARG A 69 6.50 21.19 33.82
C ARG A 69 5.71 21.35 32.53
N PHE A 70 5.27 20.28 31.89
CA PHE A 70 4.50 20.37 30.64
C PHE A 70 3.07 19.92 30.93
N THR A 71 2.14 20.46 30.15
CA THR A 71 0.69 20.19 30.29
C THR A 71 0.12 19.97 28.89
N ILE A 72 -0.54 18.85 28.65
CA ILE A 72 -1.27 18.63 27.37
C ILE A 72 -2.76 19.01 27.55
N SER A 73 -3.34 19.58 26.51
CA SER A 73 -4.71 20.17 26.58
C SER A 73 -5.36 20.07 25.21
N ARG A 74 -6.68 20.09 25.22
CA ARG A 74 -7.54 19.92 24.02
C ARG A 74 -8.59 21.05 23.97
N ASP A 75 -8.88 21.54 22.76
CA ASP A 75 -10.04 22.40 22.39
C ASP A 75 -10.75 21.75 21.19
N ASP A 76 -11.85 21.02 21.44
CA ASP A 76 -12.55 20.31 20.32
C ASP A 76 -13.20 21.31 19.35
N SER A 77 -13.65 22.46 19.85
CA SER A 77 -14.30 23.53 19.03
C SER A 77 -13.33 24.00 17.94
N LYS A 78 -12.07 24.28 18.31
CA LYS A 78 -11.02 24.81 17.40
C LYS A 78 -10.27 23.67 16.70
N ASN A 79 -10.57 22.40 17.06
CA ASN A 79 -9.93 21.19 16.46
C ASN A 79 -8.40 21.27 16.54
N SER A 80 -7.88 21.60 17.72
CA SER A 80 -6.43 21.81 17.97
C SER A 80 -6.01 21.21 19.31
N LEU A 81 -4.75 20.74 19.36
CA LEU A 81 -4.09 20.10 20.53
C LEU A 81 -3.01 21.08 21.00
N TYR A 82 -2.72 21.13 22.30
CA TYR A 82 -1.79 22.16 22.88
C TYR A 82 -0.76 21.53 23.83
N LEU A 83 0.46 22.04 23.78
CA LEU A 83 1.50 21.67 24.76
C LEU A 83 1.96 22.96 25.41
N GLN A 84 1.83 23.02 26.73
CA GLN A 84 2.18 24.24 27.49
C GLN A 84 3.44 23.89 28.26
N MET A 85 4.56 24.47 27.88
CA MET A 85 5.87 24.12 28.48
C MET A 85 6.28 25.33 29.34
N ASN A 86 6.78 25.10 30.56
CA ASN A 86 7.06 26.22 31.50
C ASN A 86 8.58 26.31 31.79
N SER A 87 9.10 25.59 32.79
CA SER A 87 10.45 25.88 33.33
C SER A 87 11.47 25.24 32.37
N LEU A 88 11.57 25.79 31.15
CA LEU A 88 12.27 25.19 29.99
C LEU A 88 13.77 25.09 30.26
N LYS A 89 14.36 24.03 29.67
CA LYS A 89 15.80 23.69 29.71
C LYS A 89 16.37 23.78 28.30
N THR A 90 17.70 23.87 28.17
CA THR A 90 18.43 23.63 26.90
C THR A 90 18.01 22.29 26.26
N GLU A 91 17.79 21.25 27.07
CA GLU A 91 17.41 19.89 26.57
C GLU A 91 15.99 19.84 26.00
N ASP A 92 15.18 20.89 26.16
CA ASP A 92 13.81 20.88 25.57
C ASP A 92 13.91 21.33 24.11
N THR A 93 15.06 21.87 23.70
CA THR A 93 15.31 22.18 22.28
C THR A 93 15.03 20.90 21.50
N ALA A 94 14.20 20.97 20.46
CA ALA A 94 13.85 19.79 19.66
C ALA A 94 12.78 20.15 18.64
N VAL A 95 12.54 19.29 17.67
CA VAL A 95 11.28 19.35 16.89
C VAL A 95 10.21 18.60 17.70
N TYR A 96 9.02 19.23 17.78
CA TYR A 96 7.77 18.78 18.46
C TYR A 96 6.81 18.47 17.32
N TYR A 97 6.62 17.18 17.05
CA TYR A 97 5.56 16.61 16.18
C TYR A 97 4.38 16.28 17.08
N CYS A 98 3.17 16.47 16.57
CA CYS A 98 1.99 15.80 17.15
C CYS A 98 1.61 14.60 16.28
N ALA A 99 1.20 13.53 16.92
CA ALA A 99 0.86 12.27 16.26
C ALA A 99 -0.56 11.91 16.66
N ARG A 100 -1.41 11.46 15.72
CA ARG A 100 -2.74 10.90 16.07
C ARG A 100 -2.79 9.40 15.75
N GLY A 101 -3.45 8.64 16.61
CA GLY A 101 -3.91 7.28 16.34
C GLY A 101 -5.41 7.18 16.49
N ILE A 102 -6.05 6.42 15.62
CA ILE A 102 -7.45 5.97 15.78
C ILE A 102 -7.47 4.79 16.75
N SER A 103 -6.29 4.32 17.10
CA SER A 103 -6.01 3.31 18.16
C SER A 103 -5.00 3.92 19.10
N PRO A 104 -5.03 3.62 20.41
CA PRO A 104 -4.00 4.07 21.31
C PRO A 104 -2.61 3.39 21.22
N PHE A 105 -2.37 2.51 20.25
CA PHE A 105 -1.17 1.61 20.23
C PHE A 105 -0.16 1.95 19.12
N TYR A 106 -0.54 2.83 18.19
CA TYR A 106 0.35 3.30 17.11
C TYR A 106 -0.16 4.65 16.58
N PHE A 107 0.70 5.37 15.87
CA PHE A 107 0.46 6.71 15.33
C PHE A 107 0.33 6.66 13.80
N ASP A 108 -0.86 6.87 13.22
CA ASP A 108 -1.01 6.83 11.74
C ASP A 108 -0.34 8.06 11.14
N TYR A 109 -0.80 9.25 11.48
CA TYR A 109 -0.31 10.52 10.85
C TYR A 109 0.49 11.34 11.88
N TRP A 110 1.45 12.12 11.36
CA TRP A 110 2.37 13.01 12.12
C TRP A 110 2.41 14.38 11.44
N GLY A 111 2.58 15.43 12.23
CA GLY A 111 2.79 16.78 11.67
C GLY A 111 4.19 16.96 11.11
N GLN A 112 4.43 18.09 10.44
CA GLN A 112 5.78 18.39 9.95
C GLN A 112 6.66 18.88 11.11
N GLY A 113 6.05 19.43 12.17
CA GLY A 113 6.72 19.65 13.47
C GLY A 113 7.02 21.12 13.69
N THR A 114 7.16 21.55 14.94
CA THR A 114 7.54 22.95 15.28
C THR A 114 8.86 22.91 16.01
N LEU A 115 9.82 23.74 15.59
CA LEU A 115 11.18 23.76 16.17
C LEU A 115 11.16 24.73 17.36
N VAL A 116 11.40 24.22 18.57
CA VAL A 116 11.64 25.06 19.79
C VAL A 116 13.17 25.11 20.05
N THR A 117 13.75 26.31 20.11
CA THR A 117 15.19 26.50 20.40
C THR A 117 15.33 27.19 21.74
N VAL A 118 16.00 26.54 22.70
CA VAL A 118 16.06 27.03 24.10
C VAL A 118 17.50 27.39 24.44
N SER A 119 17.93 28.63 24.15
CA SER A 119 19.27 29.16 24.51
C SER A 119 19.17 30.59 25.02
N SER A 120 20.19 30.96 25.79
CA SER A 120 20.54 32.34 26.23
C SER A 120 20.92 33.21 25.03
N ALA A 121 21.49 32.64 23.97
CA ALA A 121 21.98 33.33 22.76
C ALA A 121 20.88 34.20 22.17
N SER A 122 21.21 35.02 21.19
CA SER A 122 20.31 36.09 20.70
C SER A 122 20.19 36.10 19.18
N THR A 123 19.01 36.45 18.67
CA THR A 123 18.63 36.44 17.24
C THR A 123 19.52 37.39 16.43
N LYS A 124 19.96 36.95 15.25
CA LYS A 124 20.72 37.75 14.27
C LYS A 124 20.54 37.15 12.87
N GLY A 125 20.23 38.01 11.91
CA GLY A 125 20.04 37.62 10.50
C GLY A 125 21.37 37.33 9.84
N PRO A 126 21.42 36.53 8.76
CA PRO A 126 22.67 36.16 8.14
C PRO A 126 23.17 37.32 7.27
N SER A 127 24.38 37.21 6.73
CA SER A 127 24.89 38.00 5.58
C SER A 127 25.19 37.01 4.46
N VAL A 128 25.12 37.44 3.21
CA VAL A 128 25.10 36.52 2.04
C VAL A 128 26.18 36.92 1.04
N PHE A 129 27.17 36.06 0.88
CA PHE A 129 28.30 36.28 -0.07
C PHE A 129 28.20 35.29 -1.22
N PRO A 130 28.59 35.72 -2.43
CA PRO A 130 28.62 34.83 -3.59
C PRO A 130 29.91 34.01 -3.75
N LEU A 131 29.73 32.74 -4.16
CA LEU A 131 30.83 31.80 -4.51
C LEU A 131 30.91 31.72 -6.04
N ALA A 132 31.58 32.70 -6.66
CA ALA A 132 31.70 32.87 -8.12
C ALA A 132 32.42 31.67 -8.73
N PRO A 133 31.98 31.20 -9.93
CA PRO A 133 32.67 30.11 -10.64
C PRO A 133 33.91 30.57 -11.42
N SER A 134 34.98 29.76 -11.42
CA SER A 134 36.34 30.16 -11.88
C SER A 134 36.39 30.24 -13.42
N THR A 142 32.10 20.65 -15.85
CA THR A 142 31.00 21.37 -15.14
C THR A 142 31.59 22.47 -14.26
N ALA A 143 30.81 23.54 -14.03
CA ALA A 143 31.15 24.72 -13.21
C ALA A 143 30.26 24.76 -11.96
N ALA A 144 30.83 24.65 -10.76
CA ALA A 144 30.16 24.84 -9.45
C ALA A 144 30.16 26.33 -9.13
N LEU A 145 29.04 26.84 -8.64
CA LEU A 145 28.92 28.18 -8.01
C LEU A 145 27.99 28.03 -6.83
N GLY A 146 27.87 29.05 -5.97
CA GLY A 146 27.10 28.90 -4.71
C GLY A 146 26.92 30.21 -4.00
N CYS A 147 26.34 30.16 -2.80
CA CYS A 147 26.17 31.29 -1.84
C CYS A 147 26.68 30.88 -0.47
N LEU A 148 27.43 31.76 0.22
CA LEU A 148 27.77 31.62 1.65
C LEU A 148 26.72 32.38 2.47
N VAL A 149 26.02 31.69 3.36
CA VAL A 149 25.07 32.27 4.35
C VAL A 149 25.77 32.35 5.71
N LYS A 150 26.25 33.51 6.13
CA LYS A 150 27.19 33.55 7.28
C LYS A 150 26.58 34.24 8.52
N ASP A 151 26.74 33.59 9.68
CA ASP A 151 26.54 34.14 11.04
C ASP A 151 25.06 34.47 11.25
N TYR A 152 24.21 33.46 11.40
CA TYR A 152 22.78 33.67 11.74
C TYR A 152 22.39 32.83 12.96
N PHE A 153 21.52 33.33 13.79
CA PHE A 153 20.88 32.53 14.86
C PHE A 153 19.41 32.95 14.98
N PRO A 154 18.47 32.07 15.34
CA PRO A 154 18.71 30.65 15.56
C PRO A 154 18.49 29.89 14.23
N GLU A 155 18.44 28.55 14.26
CA GLU A 155 18.01 27.80 13.04
C GLU A 155 16.53 28.12 12.87
N PRO A 156 15.95 28.11 11.65
CA PRO A 156 16.58 27.57 10.45
C PRO A 156 16.75 28.62 9.35
N VAL A 157 17.42 28.30 8.25
CA VAL A 157 17.41 29.16 7.03
C VAL A 157 17.10 28.27 5.85
N THR A 158 16.48 28.85 4.83
CA THR A 158 16.07 28.18 3.58
C THR A 158 16.80 28.84 2.43
N VAL A 159 17.19 28.08 1.41
CA VAL A 159 17.85 28.65 0.22
C VAL A 159 17.23 28.01 -1.01
N SER A 160 16.75 28.83 -1.96
CA SER A 160 16.31 28.42 -3.31
C SER A 160 17.26 29.02 -4.35
N TRP A 161 17.17 28.54 -5.59
CA TRP A 161 17.97 29.03 -6.74
C TRP A 161 17.04 29.55 -7.85
N ASN A 162 17.28 30.80 -8.27
CA ASN A 162 16.54 31.56 -9.31
C ASN A 162 15.04 31.51 -8.95
N SER A 163 14.69 32.00 -7.76
CA SER A 163 13.30 32.13 -7.24
C SER A 163 12.54 30.82 -7.44
N GLY A 164 13.10 29.71 -6.95
CA GLY A 164 12.44 28.40 -6.90
C GLY A 164 12.77 27.53 -8.10
N ALA A 165 13.06 28.16 -9.25
CA ALA A 165 13.20 27.49 -10.57
C ALA A 165 14.22 26.36 -10.50
N LEU A 166 15.45 26.68 -10.06
CA LEU A 166 16.66 25.82 -10.21
C LEU A 166 16.77 24.88 -9.03
N THR A 167 16.69 23.57 -9.27
CA THR A 167 16.79 22.52 -8.23
C THR A 167 17.75 21.40 -8.65
N SER A 168 18.26 21.42 -9.88
CA SER A 168 19.14 20.35 -10.44
C SER A 168 20.62 20.57 -10.03
N GLY A 169 21.20 19.63 -9.30
CA GLY A 169 22.62 19.65 -8.89
C GLY A 169 22.91 20.71 -7.84
N VAL A 170 21.92 21.03 -7.00
CA VAL A 170 22.00 22.03 -5.89
C VAL A 170 22.22 21.26 -4.59
N HIS A 171 23.13 21.72 -3.73
CA HIS A 171 23.40 21.15 -2.38
C HIS A 171 23.39 22.28 -1.34
N THR A 172 22.50 22.20 -0.35
CA THR A 172 22.51 23.15 0.77
C THR A 172 23.03 22.39 1.99
N PHE A 173 24.25 22.73 2.43
CA PHE A 173 24.94 21.97 3.49
C PHE A 173 24.31 22.29 4.83
N PRO A 174 24.18 21.29 5.71
CA PRO A 174 23.73 21.53 7.08
C PRO A 174 24.53 22.66 7.71
N ALA A 175 23.87 23.52 8.49
CA ALA A 175 24.54 24.62 9.21
C ALA A 175 25.44 24.01 10.28
N VAL A 176 26.57 24.68 10.52
CA VAL A 176 27.55 24.45 11.62
C VAL A 176 27.46 25.59 12.63
N LEU A 177 27.66 25.28 13.89
CA LEU A 177 27.65 26.24 15.02
C LEU A 177 29.08 26.67 15.35
N GLN A 178 29.42 27.94 15.13
CA GLN A 178 30.72 28.51 15.56
C GLN A 178 30.77 28.63 17.09
N SER A 179 31.99 28.73 17.61
CA SER A 179 32.35 29.02 19.03
C SER A 179 31.54 30.23 19.51
N SER A 180 31.33 31.19 18.61
CA SER A 180 30.57 32.45 18.84
C SER A 180 29.13 32.15 19.21
N GLY A 181 28.55 31.10 18.62
CA GLY A 181 27.13 30.79 18.77
C GLY A 181 26.31 31.29 17.60
N LEU A 182 26.96 31.53 16.46
CA LEU A 182 26.24 31.73 15.18
C LEU A 182 26.38 30.49 14.29
N TYR A 183 25.48 30.38 13.31
CA TYR A 183 25.40 29.26 12.34
C TYR A 183 25.89 29.80 11.00
N SER A 184 26.48 28.93 10.19
CA SER A 184 26.88 29.21 8.78
C SER A 184 26.64 27.97 7.91
N LEU A 185 26.29 28.21 6.66
CA LEU A 185 26.24 27.18 5.60
C LEU A 185 26.45 27.85 4.24
N SER A 186 26.81 27.05 3.24
CA SER A 186 26.80 27.46 1.82
C SER A 186 25.78 26.59 1.10
N SER A 187 25.25 27.10 -0.01
CA SER A 187 24.51 26.27 -1.00
C SER A 187 25.29 26.39 -2.30
N VAL A 188 25.44 25.27 -2.99
CA VAL A 188 26.27 25.19 -4.21
C VAL A 188 25.43 24.54 -5.30
N VAL A 189 25.71 24.88 -6.56
CA VAL A 189 25.02 24.31 -7.75
C VAL A 189 26.09 23.82 -8.72
N THR A 190 26.04 22.57 -9.16
CA THR A 190 26.86 22.08 -10.29
C THR A 190 26.11 22.35 -11.60
N VAL A 191 26.65 23.25 -12.42
CA VAL A 191 26.01 23.75 -13.66
C VAL A 191 26.89 23.33 -14.84
N PRO A 192 26.32 23.04 -16.03
CA PRO A 192 27.12 22.81 -17.22
C PRO A 192 27.92 24.07 -17.57
N SER A 193 29.18 23.90 -17.98
CA SER A 193 30.14 24.99 -18.25
C SER A 193 29.48 26.07 -19.14
N SER A 194 28.93 25.66 -20.30
CA SER A 194 28.47 26.57 -21.38
C SER A 194 27.35 27.49 -20.90
N SER A 195 26.46 27.00 -20.02
CA SER A 195 25.23 27.70 -19.55
C SER A 195 25.56 28.96 -18.73
N LEU A 196 26.80 29.12 -18.24
CA LEU A 196 27.21 30.25 -17.35
C LEU A 196 27.05 31.59 -18.07
N GLY A 197 27.27 31.62 -19.39
CA GLY A 197 27.24 32.84 -20.22
C GLY A 197 25.83 33.36 -20.45
N THR A 198 24.85 32.46 -20.55
CA THR A 198 23.44 32.73 -20.97
C THR A 198 22.50 32.65 -19.76
N GLN A 199 22.54 31.53 -19.02
CA GLN A 199 21.70 31.27 -17.82
C GLN A 199 22.11 32.25 -16.71
N THR A 200 21.11 32.82 -15.99
CA THR A 200 21.27 33.79 -14.87
C THR A 200 21.08 33.05 -13.53
N TYR A 201 22.01 33.25 -12.58
CA TYR A 201 22.14 32.50 -11.30
C TYR A 201 21.99 33.45 -10.10
N ILE A 202 20.96 33.18 -9.28
CA ILE A 202 20.58 33.98 -8.08
C ILE A 202 20.11 32.99 -7.00
N CYS A 203 20.67 33.07 -5.80
CA CYS A 203 20.22 32.28 -4.65
C CYS A 203 19.25 33.13 -3.83
N ASN A 204 18.21 32.50 -3.30
CA ASN A 204 17.15 33.16 -2.48
C ASN A 204 17.22 32.60 -1.06
N VAL A 205 17.64 33.45 -0.12
CA VAL A 205 17.94 33.10 1.30
C VAL A 205 16.93 33.79 2.22
N ASN A 206 16.17 32.98 2.97
CA ASN A 206 15.11 33.43 3.89
C ASN A 206 15.44 32.96 5.31
N HIS A 207 15.55 33.89 6.26
CA HIS A 207 15.68 33.59 7.71
C HIS A 207 14.49 34.22 8.44
N LYS A 208 13.45 33.40 8.67
CA LYS A 208 12.12 33.85 9.22
C LYS A 208 12.31 34.34 10.66
N PRO A 209 13.13 33.68 11.50
CA PRO A 209 13.27 34.07 12.90
C PRO A 209 13.74 35.51 13.11
N SER A 210 14.62 36.01 12.25
CA SER A 210 15.13 37.42 12.30
C SER A 210 14.32 38.31 11.37
N ASN A 211 13.49 37.69 10.53
CA ASN A 211 12.67 38.29 9.43
C ASN A 211 13.62 38.88 8.38
N THR A 212 14.66 38.12 8.00
CA THR A 212 15.66 38.51 6.97
C THR A 212 15.35 37.74 5.69
N LYS A 213 15.15 38.45 4.58
CA LYS A 213 15.05 37.87 3.22
C LYS A 213 16.12 38.55 2.35
N VAL A 214 16.92 37.76 1.63
CA VAL A 214 17.97 38.28 0.72
C VAL A 214 17.95 37.49 -0.59
N ASP A 215 17.94 38.21 -1.71
CA ASP A 215 18.14 37.62 -3.06
C ASP A 215 19.47 38.18 -3.56
N LYS A 216 20.46 37.31 -3.84
CA LYS A 216 21.86 37.70 -4.22
C LYS A 216 22.24 37.07 -5.56
N LYS A 217 22.65 37.87 -6.53
CA LYS A 217 23.06 37.41 -7.90
C LYS A 217 24.52 36.94 -7.87
N VAL A 218 24.82 35.78 -8.46
CA VAL A 218 26.17 35.17 -8.47
C VAL A 218 26.69 35.12 -9.91
N GLU A 219 27.75 35.86 -10.20
CA GLU A 219 28.30 35.97 -11.59
C GLU A 219 29.80 35.68 -11.55
N PRO A 220 30.41 35.26 -12.68
CA PRO A 220 31.83 34.95 -12.72
C PRO A 220 32.61 36.26 -12.60
N LYS A 221 33.72 36.24 -11.84
CA LYS A 221 34.54 37.44 -11.54
C LYS A 221 35.29 37.87 -12.80
N ASP B 1 10.22 1.77 32.99
CA ASP B 1 10.12 1.99 31.52
C ASP B 1 10.83 0.87 30.78
N ILE B 2 10.37 0.65 29.55
CA ILE B 2 10.75 -0.49 28.68
C ILE B 2 11.74 0.06 27.68
N GLN B 3 12.93 -0.53 27.66
CA GLN B 3 14.06 -0.10 26.82
C GLN B 3 13.97 -0.97 25.57
N MET B 4 14.20 -0.38 24.42
CA MET B 4 14.20 -1.08 23.13
C MET B 4 15.52 -0.86 22.44
N THR B 5 16.25 -1.93 22.12
CA THR B 5 17.57 -1.85 21.47
C THR B 5 17.42 -2.33 20.03
N GLN B 6 17.60 -1.46 19.06
CA GLN B 6 17.69 -1.83 17.63
C GLN B 6 19.09 -2.38 17.32
N SER B 7 19.18 -3.30 16.33
CA SER B 7 20.44 -3.85 15.74
C SER B 7 20.27 -4.05 14.23
N PRO B 8 21.12 -3.47 13.37
CA PRO B 8 22.26 -2.64 13.78
C PRO B 8 21.95 -1.12 13.76
N SER B 9 22.67 -0.31 14.57
CA SER B 9 22.61 1.17 14.60
C SER B 9 22.78 1.74 13.19
N SER B 10 23.81 1.29 12.51
CA SER B 10 24.14 1.80 11.16
C SER B 10 24.29 0.56 10.29
N LEU B 11 23.93 0.66 9.01
CA LEU B 11 23.89 -0.51 8.11
C LEU B 11 23.96 -0.01 6.66
N SER B 12 24.81 -0.66 5.84
CA SER B 12 25.10 -0.30 4.42
C SER B 12 24.59 -1.42 3.50
N ALA B 13 23.81 -1.06 2.48
CA ALA B 13 23.04 -2.01 1.66
C ALA B 13 22.96 -1.59 0.21
N SER B 14 23.29 -2.53 -0.70
CA SER B 14 23.21 -2.37 -2.17
C SER B 14 21.74 -2.33 -2.55
N VAL B 15 21.39 -1.69 -3.67
CA VAL B 15 19.99 -1.67 -4.18
C VAL B 15 19.59 -3.12 -4.50
N GLY B 16 18.37 -3.48 -4.13
CA GLY B 16 17.79 -4.82 -4.39
C GLY B 16 18.14 -5.85 -3.33
N ASP B 17 19.14 -5.61 -2.46
CA ASP B 17 19.51 -6.47 -1.30
C ASP B 17 18.35 -6.61 -0.29
N ARG B 18 18.44 -7.63 0.55
CA ARG B 18 17.39 -8.02 1.52
C ARG B 18 17.92 -7.69 2.92
N VAL B 19 17.45 -6.57 3.48
CA VAL B 19 17.95 -5.96 4.75
C VAL B 19 16.93 -6.27 5.83
N THR B 20 17.44 -6.40 7.04
CA THR B 20 16.76 -6.84 8.28
C THR B 20 17.27 -6.00 9.43
N ILE B 21 16.37 -5.29 10.10
CA ILE B 21 16.69 -4.52 11.34
C ILE B 21 15.91 -5.16 12.49
N THR B 22 16.55 -5.39 13.63
CA THR B 22 15.94 -6.12 14.78
C THR B 22 15.73 -5.10 15.89
N CYS B 23 14.56 -5.13 16.54
CA CYS B 23 14.27 -4.37 17.78
C CYS B 23 14.18 -5.39 18.90
N ARG B 24 14.87 -5.21 20.02
CA ARG B 24 14.71 -6.13 21.18
C ARG B 24 14.24 -5.30 22.38
N ALA B 25 13.47 -5.89 23.29
CA ALA B 25 12.81 -5.15 24.37
C ALA B 25 13.23 -5.70 25.73
N SER B 26 13.41 -4.82 26.71
CA SER B 26 13.74 -5.14 28.12
C SER B 26 12.72 -6.11 28.73
N GLN B 27 11.47 -6.15 28.27
CA GLN B 27 10.48 -7.16 28.75
C GLN B 27 9.52 -7.51 27.60
N TYR B 28 8.66 -8.51 27.84
CA TYR B 28 7.58 -8.96 26.92
C TYR B 28 6.60 -7.81 26.71
N ILE B 29 6.45 -7.43 25.44
CA ILE B 29 5.50 -6.40 24.94
C ILE B 29 4.60 -7.07 23.89
N TYR B 30 4.58 -8.41 23.90
CA TYR B 30 3.67 -9.32 23.19
C TYR B 30 3.67 -9.01 21.70
N ASP B 31 2.60 -8.43 21.15
CA ASP B 31 2.62 -7.94 19.74
C ASP B 31 2.50 -6.42 19.65
N SER B 32 2.72 -5.70 20.76
CA SER B 32 2.61 -4.22 20.84
C SER B 32 3.94 -3.59 20.44
N LEU B 33 4.21 -3.48 19.14
CA LEU B 33 5.50 -2.94 18.64
C LEU B 33 5.28 -2.48 17.18
N ASN B 34 5.53 -1.20 16.90
CA ASN B 34 5.25 -0.57 15.58
C ASN B 34 6.61 -0.20 14.95
N TRP B 35 6.67 0.06 13.66
CA TRP B 35 7.94 0.50 13.01
C TRP B 35 7.62 1.78 12.23
N TYR B 36 8.51 2.78 12.33
CA TYR B 36 8.43 3.98 11.48
C TYR B 36 9.77 4.15 10.75
N GLN B 37 9.64 4.71 9.55
CA GLN B 37 10.77 5.22 8.74
C GLN B 37 10.75 6.74 8.84
N GLN B 38 11.92 7.34 9.11
CA GLN B 38 12.12 8.81 9.11
C GLN B 38 13.18 9.21 8.08
N LYS B 39 12.77 9.82 6.97
CA LYS B 39 13.74 10.41 5.98
C LYS B 39 14.17 11.78 6.52
N PRO B 40 15.42 12.23 6.33
CA PRO B 40 15.94 13.34 7.14
C PRO B 40 15.14 14.63 6.98
N GLY B 41 14.85 15.33 8.09
CA GLY B 41 14.13 16.62 8.05
C GLY B 41 12.67 16.46 7.62
N LYS B 42 12.15 15.24 7.70
CA LYS B 42 10.71 14.99 7.47
C LYS B 42 10.18 14.17 8.65
N ALA B 43 8.89 14.35 8.92
CA ALA B 43 8.12 13.61 9.94
C ALA B 43 8.30 12.11 9.70
N PRO B 44 8.32 11.26 10.76
CA PRO B 44 8.29 9.81 10.52
C PRO B 44 6.98 9.46 9.79
N LYS B 45 7.01 8.33 9.07
CA LYS B 45 5.83 7.66 8.45
C LYS B 45 5.70 6.30 9.15
N LEU B 46 4.47 5.88 9.49
CA LEU B 46 4.20 4.52 10.05
C LEU B 46 4.28 3.51 8.92
N LEU B 47 5.19 2.54 9.01
CA LEU B 47 5.28 1.41 8.06
C LEU B 47 4.32 0.33 8.52
N ILE B 48 4.54 -0.16 9.75
CA ILE B 48 3.94 -1.41 10.28
C ILE B 48 3.41 -1.20 11.71
N TYR B 49 2.23 -1.71 12.06
CA TYR B 49 1.73 -1.67 13.48
C TYR B 49 1.43 -3.08 13.95
N ASP B 50 1.62 -3.31 15.25
CA ASP B 50 1.17 -4.51 15.97
C ASP B 50 1.91 -5.71 15.40
N SER B 51 3.24 -5.63 15.39
CA SER B 51 4.17 -6.64 14.83
C SER B 51 4.06 -6.63 13.31
N SER B 52 2.91 -7.04 12.75
CA SER B 52 2.86 -7.71 11.43
C SER B 52 2.03 -6.96 10.39
N TYR B 53 1.22 -5.98 10.77
CA TYR B 53 0.28 -5.33 9.81
C TYR B 53 0.98 -4.17 9.10
N LEU B 54 1.08 -4.24 7.77
CA LEU B 54 1.56 -3.17 6.86
C LEU B 54 0.42 -2.17 6.68
N GLN B 55 0.72 -0.87 6.90
CA GLN B 55 -0.21 0.29 6.71
C GLN B 55 -0.65 0.36 5.24
N SER B 56 -1.90 0.75 4.98
CA SER B 56 -2.32 1.17 3.61
C SER B 56 -1.29 2.18 3.06
N GLY B 57 -0.91 2.03 1.80
CA GLY B 57 -0.11 2.99 1.03
C GLY B 57 1.36 2.63 1.10
N VAL B 58 1.78 2.09 2.24
CA VAL B 58 3.17 1.57 2.42
C VAL B 58 3.46 0.55 1.32
N PRO B 59 4.63 0.59 0.68
CA PRO B 59 5.04 -0.48 -0.25
C PRO B 59 5.15 -1.84 0.44
N SER B 60 4.79 -2.92 -0.26
CA SER B 60 4.73 -4.29 0.32
C SER B 60 6.12 -4.95 0.36
N ARG B 61 7.19 -4.26 -0.02
CA ARG B 61 8.58 -4.75 0.25
C ARG B 61 8.92 -4.55 1.74
N PHE B 62 8.04 -3.91 2.52
CA PHE B 62 8.20 -3.69 4.00
C PHE B 62 7.34 -4.72 4.72
N SER B 63 7.88 -5.34 5.79
CA SER B 63 7.25 -6.50 6.48
C SER B 63 7.67 -6.53 7.94
N GLY B 64 6.73 -6.88 8.81
CA GLY B 64 7.02 -7.04 10.24
C GLY B 64 6.79 -8.47 10.66
N SER B 65 7.77 -9.06 11.32
CA SER B 65 7.72 -10.34 12.05
C SER B 65 8.07 -10.02 13.50
N GLY B 66 7.80 -10.97 14.40
CA GLY B 66 8.32 -10.92 15.77
C GLY B 66 7.23 -11.01 16.81
N SER B 67 7.62 -11.36 18.03
CA SER B 67 6.73 -11.54 19.20
C SER B 67 7.53 -11.42 20.49
N GLY B 68 6.88 -11.32 21.65
CA GLY B 68 7.56 -11.27 22.96
C GLY B 68 8.54 -10.11 23.03
N THR B 69 9.84 -10.40 22.84
CA THR B 69 10.95 -9.44 23.04
C THR B 69 11.74 -9.22 21.75
N ASP B 70 11.56 -10.03 20.72
CA ASP B 70 12.40 -9.81 19.51
C ASP B 70 11.52 -9.53 18.29
N PHE B 71 11.69 -8.37 17.68
CA PHE B 71 10.97 -8.03 16.43
C PHE B 71 12.01 -7.69 15.36
N THR B 72 11.59 -7.78 14.10
CA THR B 72 12.48 -7.42 12.96
C THR B 72 11.61 -6.86 11.83
N LEU B 73 12.07 -5.76 11.25
CA LEU B 73 11.55 -5.16 10.00
C LEU B 73 12.32 -5.84 8.86
N THR B 74 11.72 -5.94 7.68
CA THR B 74 12.37 -6.56 6.49
C THR B 74 12.06 -5.67 5.28
N ILE B 75 13.09 -5.17 4.61
CA ILE B 75 12.96 -4.66 3.22
C ILE B 75 13.59 -5.73 2.33
N SER B 76 12.74 -6.44 1.59
CA SER B 76 13.06 -7.41 0.51
C SER B 76 13.24 -6.60 -0.77
N SER B 77 14.35 -6.76 -1.50
CA SER B 77 14.63 -5.93 -2.69
C SER B 77 14.57 -4.45 -2.29
N LEU B 78 15.44 -4.00 -1.39
CA LEU B 78 15.45 -2.56 -0.99
C LEU B 78 15.76 -1.73 -2.24
N GLN B 79 14.81 -0.88 -2.63
CA GLN B 79 14.77 -0.11 -3.90
C GLN B 79 15.24 1.31 -3.67
N PRO B 80 15.08 2.24 -4.65
CA PRO B 80 15.36 3.66 -4.43
C PRO B 80 14.30 4.26 -3.51
N GLU B 81 14.61 5.41 -2.91
CA GLU B 81 13.76 6.10 -1.90
C GLU B 81 13.75 5.29 -0.60
N ASP B 82 14.89 4.88 -0.05
CA ASP B 82 14.89 4.02 1.16
C ASP B 82 15.92 4.44 2.19
N PHE B 83 16.75 5.43 1.91
CA PHE B 83 17.67 6.03 2.90
C PHE B 83 16.80 6.74 3.95
N ALA B 84 16.80 6.26 5.20
CA ALA B 84 16.01 6.81 6.31
C ALA B 84 16.53 6.28 7.64
N THR B 85 16.13 6.86 8.76
CA THR B 85 16.32 6.15 10.04
C THR B 85 15.03 5.34 10.24
N TYR B 86 15.18 4.14 10.78
CA TYR B 86 14.10 3.13 10.90
C TYR B 86 13.97 3.00 12.43
N TYR B 87 12.76 3.24 12.94
CA TYR B 87 12.48 3.35 14.40
C TYR B 87 11.44 2.31 14.77
N CYS B 88 11.76 1.54 15.80
CA CYS B 88 10.79 0.60 16.38
C CYS B 88 10.16 1.34 17.56
N GLN B 89 8.95 0.97 17.94
CA GLN B 89 8.15 1.73 18.92
C GLN B 89 7.22 0.79 19.65
N GLN B 90 7.32 0.70 20.97
CA GLN B 90 6.41 -0.11 21.81
C GLN B 90 5.34 0.84 22.39
N SER B 91 4.14 0.27 22.54
CA SER B 91 2.84 0.89 22.91
C SER B 91 2.23 0.07 24.04
N TRP B 92 2.90 -1.00 24.45
CA TRP B 92 2.38 -1.96 25.45
C TRP B 92 2.03 -1.22 26.73
N ASP B 93 2.98 -0.48 27.27
CA ASP B 93 2.86 0.20 28.59
C ASP B 93 3.21 1.67 28.34
N THR B 94 2.74 2.57 29.19
CA THR B 94 3.34 3.92 29.33
C THR B 94 4.48 3.81 30.33
N PRO B 95 5.60 4.51 30.08
CA PRO B 95 5.67 5.48 28.97
C PRO B 95 5.93 4.89 27.58
N VAL B 96 5.47 5.62 26.55
CA VAL B 96 5.51 5.28 25.10
C VAL B 96 6.94 5.46 24.61
N THR B 97 7.84 4.53 24.88
CA THR B 97 9.28 4.58 24.47
C THR B 97 9.53 4.10 23.03
N PHE B 98 10.67 4.53 22.47
CA PHE B 98 11.15 4.20 21.11
C PHE B 98 12.52 3.51 21.19
N GLY B 99 12.96 2.99 20.06
CA GLY B 99 14.31 2.41 19.95
C GLY B 99 15.24 3.50 19.49
N GLN B 100 16.56 3.29 19.61
CA GLN B 100 17.59 4.33 19.35
C GLN B 100 17.59 4.67 17.86
N GLY B 101 16.89 3.91 17.01
CA GLY B 101 16.94 4.06 15.54
C GLY B 101 18.04 3.21 14.91
N THR B 102 17.92 2.89 13.61
CA THR B 102 19.04 2.35 12.83
C THR B 102 19.11 3.15 11.54
N LYS B 103 20.29 3.75 11.30
CA LYS B 103 20.57 4.52 10.08
C LYS B 103 20.96 3.47 9.03
N VAL B 104 20.23 3.41 7.91
CA VAL B 104 20.60 2.51 6.80
C VAL B 104 21.14 3.45 5.74
N GLU B 105 22.37 3.15 5.29
CA GLU B 105 23.04 3.72 4.10
C GLU B 105 23.05 2.66 2.97
N ILE B 106 22.85 3.12 1.74
CA ILE B 106 22.98 2.37 0.46
C ILE B 106 24.48 2.16 0.12
N LYS B 107 24.86 0.96 -0.32
CA LYS B 107 26.16 0.67 -0.98
C LYS B 107 26.15 1.23 -2.40
N ARG B 108 27.32 1.45 -2.99
CA ARG B 108 27.47 2.03 -4.34
C ARG B 108 28.89 1.73 -4.84
N THR B 109 29.15 1.97 -6.11
CA THR B 109 30.53 1.87 -6.69
C THR B 109 31.28 3.12 -6.25
N VAL B 110 32.59 3.05 -6.03
CA VAL B 110 33.42 4.24 -5.69
C VAL B 110 33.09 5.33 -6.71
N ALA B 111 33.03 6.58 -6.27
CA ALA B 111 32.93 7.77 -7.14
C ALA B 111 33.81 8.86 -6.54
N ALA B 112 34.83 9.29 -7.30
CA ALA B 112 35.82 10.31 -6.90
C ALA B 112 35.13 11.65 -6.85
N PRO B 113 35.46 12.53 -5.87
CA PRO B 113 34.83 13.85 -5.74
C PRO B 113 35.45 14.89 -6.67
N SER B 114 34.64 15.65 -7.39
CA SER B 114 35.09 16.81 -8.19
C SER B 114 35.39 17.89 -7.16
N VAL B 115 36.54 18.58 -7.26
CA VAL B 115 36.98 19.54 -6.20
C VAL B 115 37.04 20.95 -6.77
N PHE B 116 36.37 21.87 -6.08
CA PHE B 116 36.32 23.31 -6.39
C PHE B 116 36.77 24.04 -5.13
N ILE B 117 37.62 25.06 -5.29
CA ILE B 117 37.97 26.05 -4.22
C ILE B 117 37.43 27.40 -4.66
N PHE B 118 37.07 28.25 -3.69
CA PHE B 118 36.46 29.58 -3.91
C PHE B 118 37.10 30.62 -3.01
N PRO B 119 37.84 31.61 -3.52
CA PRO B 119 38.34 32.70 -2.68
C PRO B 119 37.20 33.47 -2.05
N PRO B 120 37.44 34.26 -0.98
CA PRO B 120 36.38 35.09 -0.40
C PRO B 120 35.91 36.11 -1.43
N SER B 121 34.63 36.42 -1.39
CA SER B 121 33.96 37.58 -2.03
C SER B 121 34.65 38.88 -1.59
N ASP B 122 34.82 39.83 -2.50
CA ASP B 122 35.33 41.18 -2.17
C ASP B 122 34.38 41.80 -1.14
N GLU B 123 33.08 41.50 -1.27
CA GLU B 123 32.00 42.04 -0.40
C GLU B 123 32.32 41.67 1.05
N GLN B 124 32.57 40.38 1.30
CA GLN B 124 32.73 39.86 2.67
C GLN B 124 33.95 40.54 3.28
N LEU B 125 35.01 40.65 2.48
CA LEU B 125 36.29 41.29 2.85
C LEU B 125 36.00 42.67 3.46
N LYS B 126 35.23 43.52 2.77
CA LYS B 126 34.88 44.89 3.27
C LYS B 126 34.10 44.81 4.59
N SER B 127 33.49 43.66 4.93
CA SER B 127 32.89 43.49 6.28
C SER B 127 34.01 43.25 7.29
N GLY B 128 35.10 42.60 6.87
CA GLY B 128 36.32 42.40 7.69
C GLY B 128 36.52 40.97 8.13
N THR B 129 35.93 39.98 7.44
CA THR B 129 36.36 38.56 7.51
C THR B 129 36.47 37.98 6.11
N ALA B 130 37.23 36.90 5.98
CA ALA B 130 37.45 36.13 4.74
C ALA B 130 37.06 34.69 5.03
N SER B 131 36.24 34.09 4.18
CA SER B 131 35.84 32.67 4.25
C SER B 131 36.21 32.03 2.92
N VAL B 132 37.03 30.98 2.97
CA VAL B 132 37.53 30.26 1.76
C VAL B 132 36.74 28.95 1.68
N VAL B 133 35.98 28.74 0.62
CA VAL B 133 35.12 27.55 0.61
C VAL B 133 35.77 26.51 -0.29
N CYS B 134 35.75 25.28 0.18
CA CYS B 134 36.26 24.11 -0.56
C CYS B 134 35.14 23.08 -0.68
N LEU B 135 34.84 22.66 -1.91
CA LEU B 135 33.67 21.82 -2.20
C LEU B 135 34.18 20.54 -2.86
N LEU B 136 33.86 19.40 -2.24
CA LEU B 136 34.06 18.03 -2.75
C LEU B 136 32.68 17.50 -3.18
N ASN B 137 32.38 17.54 -4.48
CA ASN B 137 31.00 17.36 -5.00
C ASN B 137 30.78 15.96 -5.57
N ASN B 138 29.84 15.21 -4.99
CA ASN B 138 29.25 13.98 -5.60
C ASN B 138 30.34 12.92 -5.64
N PHE B 139 30.54 12.24 -4.50
CA PHE B 139 31.53 11.17 -4.28
C PHE B 139 30.95 10.09 -3.37
N TYR B 140 31.53 8.90 -3.41
CA TYR B 140 31.18 7.77 -2.53
C TYR B 140 32.45 6.93 -2.36
N PRO B 141 32.79 6.46 -1.14
CA PRO B 141 31.95 6.65 0.05
C PRO B 141 32.08 7.99 0.79
N ARG B 142 31.34 8.17 1.88
CA ARG B 142 31.31 9.43 2.71
C ARG B 142 32.72 9.80 3.13
N GLU B 143 33.49 8.85 3.66
CA GLU B 143 34.81 9.08 4.30
C GLU B 143 35.73 9.84 3.34
N ALA B 144 36.32 10.94 3.79
CA ALA B 144 37.18 11.87 3.00
C ALA B 144 37.96 12.78 3.94
N LYS B 145 39.17 13.20 3.59
CA LYS B 145 40.04 14.03 4.47
C LYS B 145 40.27 15.36 3.76
N VAL B 146 40.02 16.49 4.41
CA VAL B 146 40.31 17.80 3.80
C VAL B 146 41.27 18.56 4.71
N GLN B 147 42.52 18.72 4.23
CA GLN B 147 43.61 19.49 4.86
C GLN B 147 43.70 20.86 4.18
N TRP B 148 43.69 21.93 4.97
CA TRP B 148 44.00 23.29 4.50
C TRP B 148 45.50 23.52 4.57
N LYS B 149 46.07 24.18 3.59
CA LYS B 149 47.51 24.51 3.58
C LYS B 149 47.60 25.98 3.22
N VAL B 150 48.15 26.80 4.12
CA VAL B 150 48.31 28.26 3.90
C VAL B 150 49.81 28.54 3.92
N ASP B 151 50.30 29.22 2.88
CA ASP B 151 51.74 29.41 2.60
C ASP B 151 52.46 28.08 2.86
N ASN B 152 51.90 26.99 2.35
CA ASN B 152 52.54 25.66 2.28
C ASN B 152 52.70 25.05 3.67
N ALA B 153 51.97 25.47 4.69
CA ALA B 153 51.95 24.82 6.02
C ALA B 153 50.55 24.31 6.32
N LEU B 154 50.46 23.20 7.05
CA LEU B 154 49.18 22.69 7.55
C LEU B 154 48.58 23.78 8.45
N GLN B 155 47.32 24.18 8.19
CA GLN B 155 46.55 25.13 9.02
C GLN B 155 45.59 24.37 9.92
N SER B 156 45.52 24.68 11.20
CA SER B 156 44.64 23.99 12.16
C SER B 156 43.81 24.97 12.97
N GLY B 157 42.50 24.71 12.97
CA GLY B 157 41.55 25.20 13.98
C GLY B 157 40.78 26.43 13.54
N ASN B 158 40.77 26.73 12.25
CA ASN B 158 40.03 27.87 11.71
C ASN B 158 39.06 27.38 10.62
N SER B 159 38.68 26.10 10.66
CA SER B 159 37.98 25.42 9.53
C SER B 159 36.90 24.49 10.05
N GLN B 160 35.72 24.56 9.43
CA GLN B 160 34.53 23.75 9.81
C GLN B 160 34.18 22.91 8.58
N GLU B 161 33.86 21.63 8.73
CA GLU B 161 33.41 20.89 7.52
C GLU B 161 31.95 20.47 7.73
N SER B 162 31.18 20.39 6.65
CA SER B 162 29.76 19.95 6.69
C SER B 162 29.50 18.92 5.59
N VAL B 163 28.80 17.84 5.91
CA VAL B 163 28.35 16.79 4.92
C VAL B 163 26.85 16.88 4.65
N THR B 164 26.48 16.83 3.36
CA THR B 164 25.09 16.66 2.90
C THR B 164 24.63 15.21 3.16
N GLU B 165 23.32 15.02 3.23
CA GLU B 165 22.66 13.70 3.32
C GLU B 165 22.84 13.03 1.96
N GLN B 166 22.79 11.68 1.91
CA GLN B 166 22.95 10.87 0.67
C GLN B 166 21.86 11.27 -0.34
N ASP B 167 22.19 11.47 -1.62
CA ASP B 167 21.19 12.00 -2.60
C ASP B 167 20.56 10.84 -3.38
N SER B 168 19.21 10.78 -3.38
CA SER B 168 18.38 9.63 -3.87
C SER B 168 18.42 9.52 -5.40
N LYS B 169 19.01 10.47 -6.13
CA LYS B 169 19.35 10.32 -7.57
C LYS B 169 20.41 9.20 -7.71
N ASP B 170 21.57 9.38 -7.07
CA ASP B 170 22.83 8.65 -7.38
C ASP B 170 23.53 8.14 -6.11
N SER B 171 22.95 8.31 -4.93
CA SER B 171 23.49 7.74 -3.67
C SER B 171 24.92 8.26 -3.43
N THR B 172 25.20 9.53 -3.76
CA THR B 172 26.52 10.19 -3.52
C THR B 172 26.39 11.33 -2.50
N TYR B 173 27.52 11.72 -1.91
CA TYR B 173 27.64 12.81 -0.93
C TYR B 173 28.31 14.05 -1.50
N SER B 174 28.12 15.17 -0.82
CA SER B 174 28.88 16.42 -1.01
C SER B 174 29.37 16.89 0.38
N LEU B 175 30.52 17.54 0.38
CA LEU B 175 31.19 17.96 1.64
C LEU B 175 31.68 19.36 1.43
N SER B 176 31.75 20.13 2.50
CA SER B 176 32.30 21.49 2.45
C SER B 176 33.31 21.60 3.58
N SER B 177 34.44 22.22 3.29
CA SER B 177 35.43 22.71 4.28
C SER B 177 35.51 24.22 4.13
N THR B 178 35.30 24.97 5.20
CA THR B 178 35.28 26.44 5.18
C THR B 178 36.29 26.92 6.22
N LEU B 179 37.37 27.54 5.73
CA LEU B 179 38.42 28.20 6.52
C LEU B 179 37.96 29.63 6.70
N THR B 180 37.66 30.04 7.91
CA THR B 180 37.09 31.38 8.21
C THR B 180 38.10 32.11 9.08
N LEU B 181 38.56 33.29 8.68
CA LEU B 181 39.52 33.97 9.55
C LEU B 181 39.47 35.49 9.32
N SER B 182 39.91 36.26 10.30
CA SER B 182 40.07 37.72 10.22
C SER B 182 40.66 38.12 8.86
N LYS B 183 40.13 39.16 8.25
CA LYS B 183 40.72 39.82 7.05
C LYS B 183 42.23 40.09 7.26
N ALA B 184 42.63 40.74 8.35
CA ALA B 184 44.05 40.97 8.71
C ALA B 184 44.85 39.67 8.52
N ASP B 185 44.42 38.58 9.17
CA ASP B 185 45.14 37.29 9.15
C ASP B 185 45.12 36.79 7.69
N TYR B 186 43.99 36.90 6.99
CA TYR B 186 43.83 36.45 5.58
C TYR B 186 44.90 37.10 4.69
N GLU B 187 45.27 38.35 4.95
CA GLU B 187 46.21 39.13 4.08
C GLU B 187 47.67 38.87 4.48
N LYS B 188 47.92 38.13 5.56
CA LYS B 188 49.30 37.81 6.03
C LYS B 188 49.89 36.63 5.23
N HIS B 189 49.06 35.93 4.46
CA HIS B 189 49.48 34.73 3.69
C HIS B 189 49.07 34.88 2.22
N LYS B 190 49.80 34.23 1.32
CA LYS B 190 49.66 34.35 -0.15
C LYS B 190 48.97 33.10 -0.67
N VAL B 191 49.41 31.90 -0.31
CA VAL B 191 48.92 30.66 -0.98
C VAL B 191 47.90 29.94 -0.11
N TYR B 192 46.63 29.91 -0.50
CA TYR B 192 45.56 29.11 0.17
C TYR B 192 45.27 27.88 -0.69
N ALA B 193 45.28 26.69 -0.11
CA ALA B 193 45.08 25.44 -0.89
C ALA B 193 44.27 24.44 -0.08
N CYS B 194 43.52 23.63 -0.81
CA CYS B 194 42.59 22.62 -0.27
C CYS B 194 43.09 21.25 -0.73
N GLU B 195 43.50 20.37 0.17
CA GLU B 195 44.17 19.12 -0.25
C GLU B 195 43.26 17.96 0.12
N VAL B 196 42.80 17.20 -0.87
CA VAL B 196 41.67 16.21 -0.71
C VAL B 196 42.20 14.77 -0.89
N THR B 197 41.78 13.87 -0.01
CA THR B 197 42.13 12.43 0.04
C THR B 197 40.86 11.58 -0.01
N HIS B 198 40.87 10.52 -0.81
CA HIS B 198 39.69 9.66 -1.11
C HIS B 198 40.14 8.35 -1.77
N GLN B 199 39.31 7.31 -1.57
CA GLN B 199 39.34 5.98 -2.25
C GLN B 199 39.34 6.18 -3.76
N GLY B 200 38.47 7.06 -4.27
CA GLY B 200 38.23 7.34 -5.70
C GLY B 200 39.44 7.92 -6.42
N LEU B 201 40.25 8.72 -5.71
CA LEU B 201 41.40 9.46 -6.27
C LEU B 201 42.68 8.64 -6.13
N SER B 202 43.42 8.50 -7.23
CA SER B 202 44.67 7.71 -7.31
C SER B 202 45.69 8.35 -6.38
N SER B 203 45.72 9.69 -6.37
CA SER B 203 46.54 10.49 -5.43
C SER B 203 45.75 11.71 -5.00
N PRO B 204 45.98 12.17 -3.74
CA PRO B 204 45.40 13.40 -3.22
C PRO B 204 45.33 14.55 -4.22
N VAL B 205 44.19 15.21 -4.32
CA VAL B 205 44.03 16.36 -5.24
C VAL B 205 44.12 17.63 -4.42
N THR B 206 44.79 18.63 -4.96
CA THR B 206 44.94 19.95 -4.34
C THR B 206 44.40 20.97 -5.32
N LYS B 207 43.55 21.86 -4.84
CA LYS B 207 43.09 23.03 -5.61
C LYS B 207 43.47 24.23 -4.77
N SER B 208 43.88 25.32 -5.40
CA SER B 208 44.41 26.51 -4.69
C SER B 208 44.24 27.75 -5.55
N PHE B 209 44.48 28.90 -4.93
CA PHE B 209 44.62 30.22 -5.59
C PHE B 209 45.69 30.98 -4.83
N ASN B 210 46.32 31.95 -5.50
CA ASN B 210 47.22 32.95 -4.87
C ASN B 210 46.33 34.14 -4.51
N ARG B 211 46.28 34.56 -3.26
CA ARG B 211 45.42 35.68 -2.84
C ARG B 211 45.66 36.86 -3.79
N GLY B 212 44.57 37.42 -4.34
CA GLY B 212 44.57 38.65 -5.16
C GLY B 212 44.40 38.35 -6.64
N GLU B 213 44.86 37.18 -7.09
CA GLU B 213 45.13 36.86 -8.52
C GLU B 213 44.05 35.91 -9.07
N CYS B 214 43.36 36.33 -10.14
CA CYS B 214 42.14 35.67 -10.69
C CYS B 214 42.53 34.38 -11.42
N ASN C 2 -8.60 -13.94 49.91
CA ASN C 2 -7.77 -15.10 49.44
C ASN C 2 -6.99 -14.71 48.17
N LEU C 3 -6.02 -15.53 47.77
CA LEU C 3 -5.36 -15.48 46.43
C LEU C 3 -6.43 -15.78 45.36
N CYS C 4 -6.34 -15.05 44.26
CA CYS C 4 -7.46 -14.56 43.42
C CYS C 4 -7.56 -15.40 42.16
N PRO C 5 -8.74 -15.93 41.80
CA PRO C 5 -8.82 -17.16 41.01
C PRO C 5 -8.66 -17.00 39.50
N PHE C 6 -7.55 -16.35 39.09
CA PHE C 6 -7.19 -16.11 37.66
C PHE C 6 -6.75 -17.42 37.00
N GLY C 7 -6.20 -18.36 37.76
CA GLY C 7 -5.84 -19.72 37.30
C GLY C 7 -6.99 -20.42 36.63
N GLU C 8 -8.13 -20.50 37.34
CA GLU C 8 -9.41 -21.08 36.85
C GLU C 8 -9.72 -20.53 35.45
N VAL C 9 -9.62 -19.22 35.29
CA VAL C 9 -10.08 -18.55 34.05
C VAL C 9 -9.07 -18.87 32.94
N PHE C 10 -7.78 -18.75 33.21
CA PHE C 10 -6.71 -18.91 32.17
C PHE C 10 -6.43 -20.39 31.90
N ASN C 11 -6.38 -21.22 32.94
CA ASN C 11 -5.96 -22.63 32.82
C ASN C 11 -7.15 -23.58 32.74
N ALA C 12 -8.33 -23.05 32.43
CA ALA C 12 -9.58 -23.82 32.24
C ALA C 12 -9.43 -24.83 31.08
N THR C 13 -9.75 -26.10 31.33
CA THR C 13 -9.78 -27.13 30.26
C THR C 13 -10.78 -26.71 29.17
N ARG C 14 -11.99 -26.29 29.60
CA ARG C 14 -13.17 -25.97 28.74
C ARG C 14 -13.22 -24.45 28.51
N PHE C 15 -13.38 -24.02 27.26
CA PHE C 15 -13.62 -22.59 26.94
C PHE C 15 -14.99 -22.46 26.27
N ALA C 16 -15.72 -21.42 26.63
CA ALA C 16 -17.03 -21.10 26.05
C ALA C 16 -16.84 -20.74 24.59
N SER C 17 -17.87 -20.89 23.78
CA SER C 17 -17.92 -20.30 22.42
C SER C 17 -18.17 -18.79 22.56
N VAL C 18 -17.69 -18.01 21.58
CA VAL C 18 -17.78 -16.54 21.63
C VAL C 18 -19.25 -16.11 21.79
N TYR C 19 -20.20 -16.68 21.06
CA TYR C 19 -21.64 -16.26 21.13
C TYR C 19 -22.21 -16.51 22.53
N ALA C 20 -21.64 -17.46 23.27
CA ALA C 20 -22.13 -17.99 24.56
C ALA C 20 -21.16 -17.61 25.65
N TRP C 21 -20.48 -16.48 25.47
CA TRP C 21 -19.19 -16.20 26.16
C TRP C 21 -19.33 -16.27 27.66
N ASN C 22 -18.32 -16.81 28.33
CA ASN C 22 -18.31 -16.93 29.81
C ASN C 22 -18.00 -15.56 30.41
N ARG C 23 -18.47 -15.31 31.64
CA ARG C 23 -18.12 -14.12 32.43
C ARG C 23 -18.03 -14.55 33.87
N LYS C 24 -16.94 -14.18 34.55
CA LYS C 24 -16.67 -14.55 35.95
C LYS C 24 -16.41 -13.25 36.69
N ARG C 25 -16.96 -13.12 37.88
CA ARG C 25 -16.84 -11.90 38.71
C ARG C 25 -15.74 -12.19 39.73
N ILE C 26 -14.57 -11.56 39.58
CA ILE C 26 -13.46 -11.69 40.57
C ILE C 26 -13.74 -10.64 41.63
N SER C 27 -13.76 -11.03 42.90
CA SER C 27 -14.17 -10.18 44.05
C SER C 27 -13.64 -10.73 45.38
N ASN C 28 -13.50 -9.86 46.39
CA ASN C 28 -12.95 -10.16 47.73
C ASN C 28 -11.80 -11.14 47.55
N CYS C 29 -10.75 -10.63 46.91
CA CYS C 29 -9.46 -11.32 46.59
C CYS C 29 -8.36 -10.27 46.49
N VAL C 30 -7.10 -10.68 46.61
CA VAL C 30 -5.92 -9.86 46.25
C VAL C 30 -5.34 -10.47 44.96
N ALA C 31 -5.15 -9.63 43.94
CA ALA C 31 -4.88 -10.04 42.54
C ALA C 31 -3.40 -9.77 42.18
N ASP C 32 -2.66 -10.83 41.85
CA ASP C 32 -1.18 -10.83 41.63
C ASP C 32 -0.82 -10.08 40.34
N TYR C 33 -1.45 -10.43 39.21
CA TYR C 33 -1.34 -9.77 37.88
C TYR C 33 0.07 -9.88 37.30
N SER C 34 1.12 -9.87 38.11
CA SER C 34 2.52 -10.20 37.71
C SER C 34 2.52 -11.48 36.88
N VAL C 35 1.68 -12.44 37.30
CA VAL C 35 1.45 -13.78 36.70
C VAL C 35 1.06 -13.64 35.22
N LEU C 36 0.50 -12.51 34.80
CA LEU C 36 0.06 -12.36 33.40
C LEU C 36 1.20 -11.83 32.54
N TYR C 37 1.63 -10.56 32.71
CA TYR C 37 2.60 -9.88 31.80
C TYR C 37 4.00 -10.52 31.93
N ASN C 38 4.22 -11.38 32.93
CA ASN C 38 5.48 -12.14 33.05
C ASN C 38 5.33 -13.50 32.36
N SER C 39 4.43 -13.64 31.37
CA SER C 39 4.23 -14.88 30.56
C SER C 39 4.57 -14.68 29.07
N ALA C 40 4.98 -15.76 28.40
CA ALA C 40 5.35 -15.83 26.96
C ALA C 40 4.28 -16.57 26.15
N SER C 41 3.40 -17.32 26.81
CA SER C 41 2.22 -18.00 26.18
C SER C 41 1.45 -17.02 25.29
N PHE C 42 1.20 -15.79 25.81
CA PHE C 42 0.25 -14.81 25.25
C PHE C 42 0.77 -14.25 23.93
N SER C 43 -0.10 -14.13 22.92
CA SER C 43 0.14 -13.47 21.61
C SER C 43 -0.17 -11.98 21.70
N THR C 44 -1.08 -11.58 22.59
CA THR C 44 -1.70 -10.22 22.65
C THR C 44 -1.95 -9.91 24.13
N PHE C 45 -1.56 -8.73 24.58
CA PHE C 45 -1.83 -8.29 25.97
C PHE C 45 -2.04 -6.79 25.92
N LYS C 46 -3.16 -6.31 25.37
CA LYS C 46 -3.42 -4.87 25.11
C LYS C 46 -4.39 -4.29 26.15
N CYS C 47 -3.96 -3.29 26.91
CA CYS C 47 -4.71 -2.68 28.03
C CYS C 47 -5.18 -1.30 27.60
N TYR C 48 -6.46 -0.96 27.80
CA TYR C 48 -7.01 0.32 27.29
C TYR C 48 -7.20 1.31 28.42
N GLY C 49 -7.77 0.86 29.52
CA GLY C 49 -8.02 1.89 30.56
C GLY C 49 -6.69 2.47 31.02
N VAL C 50 -5.79 1.56 31.33
CA VAL C 50 -4.82 1.66 32.43
C VAL C 50 -3.54 1.00 31.91
N SER C 51 -2.61 0.58 32.77
CA SER C 51 -1.29 0.08 32.32
C SER C 51 -1.06 -1.30 32.93
N PRO C 52 -0.60 -2.31 32.16
CA PRO C 52 -0.48 -3.67 32.68
C PRO C 52 0.38 -3.72 33.94
N THR C 53 1.50 -3.00 33.93
CA THR C 53 2.54 -3.03 35.00
C THR C 53 2.05 -2.33 36.27
N LYS C 54 1.09 -1.40 36.18
CA LYS C 54 0.61 -0.61 37.34
C LYS C 54 -0.64 -1.25 37.97
N LEU C 55 -1.20 -2.33 37.39
CA LEU C 55 -2.54 -2.83 37.80
C LEU C 55 -2.44 -3.34 39.24
N ASN C 56 -1.28 -3.87 39.65
CA ASN C 56 -1.07 -4.46 40.99
C ASN C 56 -1.00 -3.33 42.04
N ASP C 57 -0.76 -2.07 41.62
CA ASP C 57 -0.69 -0.88 42.51
C ASP C 57 -1.97 -0.03 42.36
N LEU C 58 -3.03 -0.59 41.78
CA LEU C 58 -4.36 0.05 41.58
C LEU C 58 -5.43 -0.84 42.22
N CYS C 59 -6.56 -0.27 42.62
CA CYS C 59 -7.65 -0.93 43.38
C CYS C 59 -8.98 -0.64 42.67
N PHE C 60 -9.94 -1.57 42.70
CA PHE C 60 -11.16 -1.55 41.84
C PHE C 60 -12.36 -2.18 42.55
N THR C 61 -13.57 -1.68 42.23
CA THR C 61 -14.89 -2.04 42.83
C THR C 61 -15.31 -3.45 42.41
N ASN C 62 -15.31 -3.74 41.11
CA ASN C 62 -15.43 -5.12 40.58
C ASN C 62 -14.52 -5.29 39.37
N VAL C 63 -14.07 -6.51 39.16
CA VAL C 63 -13.39 -6.93 37.91
C VAL C 63 -14.13 -8.17 37.41
N TYR C 64 -14.29 -8.28 36.09
CA TYR C 64 -14.94 -9.40 35.37
C TYR C 64 -13.94 -9.99 34.38
N ALA C 65 -13.91 -11.31 34.24
CA ALA C 65 -13.08 -12.03 33.26
C ALA C 65 -14.00 -12.67 32.22
N ASP C 66 -13.86 -12.27 30.97
CA ASP C 66 -14.68 -12.81 29.85
C ASP C 66 -13.85 -13.77 29.02
N SER C 67 -14.22 -15.04 28.98
CA SER C 67 -13.46 -16.10 28.28
C SER C 67 -14.22 -16.55 27.02
N PHE C 68 -13.54 -16.72 25.90
CA PHE C 68 -14.11 -17.37 24.70
C PHE C 68 -12.98 -17.84 23.75
N VAL C 69 -13.35 -18.48 22.63
CA VAL C 69 -12.42 -18.88 21.54
C VAL C 69 -12.89 -18.25 20.24
N ILE C 70 -11.96 -17.75 19.44
CA ILE C 70 -12.24 -17.19 18.08
C ILE C 70 -11.07 -17.56 17.16
N ARG C 71 -11.21 -17.25 15.87
CA ARG C 71 -10.12 -17.36 14.87
C ARG C 71 -9.02 -16.36 15.21
N GLY C 72 -7.81 -16.64 14.73
CA GLY C 72 -6.63 -15.77 14.85
C GLY C 72 -6.92 -14.37 14.34
N ASP C 73 -7.43 -14.23 13.11
CA ASP C 73 -7.62 -12.90 12.45
C ASP C 73 -8.87 -12.22 13.00
N GLU C 74 -9.47 -12.77 14.06
CA GLU C 74 -10.66 -12.18 14.72
C GLU C 74 -10.21 -11.46 16.00
N VAL C 75 -9.06 -11.78 16.56
CA VAL C 75 -8.57 -11.14 17.84
C VAL C 75 -8.61 -9.60 17.72
N ARG C 76 -8.38 -8.99 16.55
CA ARG C 76 -8.32 -7.51 16.41
C ARG C 76 -9.73 -6.93 16.51
N GLN C 77 -10.76 -7.77 16.42
CA GLN C 77 -12.16 -7.31 16.61
C GLN C 77 -12.44 -7.14 18.09
N ILE C 78 -11.77 -7.85 19.00
CA ILE C 78 -12.01 -7.74 20.47
C ILE C 78 -11.31 -6.46 20.99
N ALA C 79 -11.72 -5.28 20.55
CA ALA C 79 -11.08 -4.01 20.94
C ALA C 79 -12.12 -2.90 20.93
N PRO C 80 -11.98 -1.78 21.67
CA PRO C 80 -12.87 -0.64 21.46
C PRO C 80 -12.84 -0.25 19.98
N GLY C 81 -14.02 -0.06 19.40
CA GLY C 81 -14.25 0.64 18.13
C GLY C 81 -14.24 -0.27 16.93
N GLN C 82 -14.44 -1.59 17.08
CA GLN C 82 -14.36 -2.55 15.93
C GLN C 82 -15.77 -2.85 15.44
N THR C 83 -15.88 -3.12 14.14
CA THR C 83 -17.03 -3.70 13.40
C THR C 83 -16.59 -5.02 12.73
N GLY C 84 -17.50 -5.94 12.42
CA GLY C 84 -17.18 -7.34 12.11
C GLY C 84 -18.16 -8.28 12.80
N LYS C 85 -18.31 -9.49 12.27
CA LYS C 85 -19.15 -10.57 12.84
C LYS C 85 -19.00 -10.66 14.36
N ILE C 86 -17.77 -10.69 14.84
CA ILE C 86 -17.50 -11.04 16.26
C ILE C 86 -17.86 -9.82 17.11
N ALA C 87 -17.42 -8.64 16.70
CA ALA C 87 -17.67 -7.42 17.52
C ALA C 87 -19.16 -7.07 17.43
N ASP C 88 -19.74 -7.23 16.24
CA ASP C 88 -21.17 -6.96 15.94
C ASP C 88 -22.12 -7.96 16.59
N TYR C 89 -21.98 -9.27 16.37
CA TYR C 89 -23.03 -10.26 16.71
C TYR C 89 -22.60 -11.22 17.83
N ASN C 90 -21.43 -11.01 18.46
CA ASN C 90 -20.90 -11.98 19.45
C ASN C 90 -20.40 -11.28 20.70
N TYR C 91 -19.30 -10.53 20.65
CA TYR C 91 -18.76 -9.84 21.85
C TYR C 91 -18.42 -8.40 21.49
N LYS C 92 -19.03 -7.41 22.15
CA LYS C 92 -18.73 -5.99 21.84
C LYS C 92 -18.13 -5.29 23.07
N LEU C 93 -17.00 -4.61 22.89
CA LEU C 93 -16.38 -3.82 23.98
C LEU C 93 -16.90 -2.40 23.90
N PRO C 94 -17.13 -1.72 25.02
CA PRO C 94 -17.59 -0.33 24.96
C PRO C 94 -16.46 0.58 24.44
N ASP C 95 -16.83 1.64 23.72
CA ASP C 95 -15.97 2.75 23.25
C ASP C 95 -15.00 3.20 24.35
N ASP C 96 -15.46 3.18 25.60
CA ASP C 96 -14.69 3.71 26.76
C ASP C 96 -14.12 2.54 27.54
N PHE C 97 -13.89 1.42 26.86
CA PHE C 97 -13.42 0.20 27.53
C PHE C 97 -12.15 0.52 28.34
N THR C 98 -12.17 0.07 29.60
CA THR C 98 -11.07 0.16 30.61
C THR C 98 -10.76 -1.27 31.08
N GLY C 99 -9.69 -1.86 30.56
CA GLY C 99 -9.26 -3.24 30.92
C GLY C 99 -8.26 -3.79 29.91
N CYS C 100 -7.95 -5.09 30.00
CA CYS C 100 -6.91 -5.76 29.16
C CYS C 100 -7.52 -6.88 28.32
N VAL C 101 -7.39 -6.81 26.98
CA VAL C 101 -7.57 -7.99 26.09
C VAL C 101 -6.28 -8.85 26.04
N ILE C 102 -6.31 -10.02 26.69
CA ILE C 102 -5.25 -11.07 26.59
C ILE C 102 -5.72 -12.28 25.79
N ALA C 103 -5.03 -12.64 24.72
CA ALA C 103 -5.35 -13.85 23.90
C ALA C 103 -4.08 -14.67 23.64
N TRP C 104 -4.25 -15.91 23.18
CA TRP C 104 -3.12 -16.84 22.90
C TRP C 104 -3.55 -18.00 22.01
N ASN C 105 -2.66 -18.50 21.14
CA ASN C 105 -2.95 -19.53 20.10
C ASN C 105 -3.30 -20.83 20.82
N SER C 106 -4.42 -21.42 20.44
CA SER C 106 -5.12 -22.52 21.14
C SER C 106 -5.11 -23.76 20.24
N ASN C 107 -4.23 -23.79 19.22
CA ASN C 107 -4.19 -24.91 18.24
C ASN C 107 -4.04 -26.26 18.97
N ASN C 108 -3.14 -26.36 19.94
CA ASN C 108 -2.86 -27.59 20.73
C ASN C 108 -4.19 -28.16 21.29
N LEU C 109 -5.07 -27.32 21.86
CA LEU C 109 -6.27 -27.78 22.64
C LEU C 109 -7.52 -27.81 21.77
N ASP C 110 -7.80 -26.74 21.05
CA ASP C 110 -9.12 -26.53 20.43
C ASP C 110 -9.07 -26.94 18.96
N SER C 111 -8.02 -27.60 18.50
CA SER C 111 -7.99 -28.13 17.11
C SER C 111 -7.93 -29.64 17.16
N LYS C 112 -8.87 -30.32 16.50
CA LYS C 112 -8.91 -31.81 16.40
C LYS C 112 -8.29 -32.20 15.06
N VAL C 113 -7.44 -33.23 15.05
CA VAL C 113 -6.86 -33.78 13.78
C VAL C 113 -8.00 -34.06 12.79
N GLY C 114 -9.09 -34.71 13.22
CA GLY C 114 -10.29 -34.93 12.40
C GLY C 114 -10.99 -33.62 12.09
N GLY C 115 -10.97 -32.70 13.06
CA GLY C 115 -11.59 -31.37 13.00
C GLY C 115 -12.56 -31.18 14.16
N ASN C 116 -12.42 -30.07 14.90
CA ASN C 116 -13.32 -29.72 16.02
C ASN C 116 -14.30 -28.65 15.53
N TYR C 117 -15.60 -28.92 15.66
CA TYR C 117 -16.72 -28.01 15.29
C TYR C 117 -17.61 -27.77 16.52
N ASN C 118 -17.05 -27.95 17.72
CA ASN C 118 -17.71 -27.65 19.01
C ASN C 118 -17.65 -26.13 19.31
N TYR C 119 -17.04 -25.32 18.43
CA TYR C 119 -16.91 -23.86 18.64
C TYR C 119 -17.74 -23.11 17.57
N LEU C 120 -18.66 -22.25 18.02
CA LEU C 120 -19.67 -21.59 17.16
C LEU C 120 -19.60 -20.07 17.30
N TYR C 121 -19.99 -19.38 16.24
CA TYR C 121 -20.14 -17.90 16.25
C TYR C 121 -21.48 -17.53 15.60
N ARG C 122 -22.05 -16.42 16.06
CA ARG C 122 -23.30 -15.90 15.47
C ARG C 122 -22.91 -15.24 14.15
N LEU C 123 -23.36 -15.87 13.06
CA LEU C 123 -23.20 -15.42 11.67
C LEU C 123 -24.16 -14.25 11.36
N PHE C 124 -25.39 -14.25 11.90
CA PHE C 124 -26.45 -13.26 11.52
C PHE C 124 -27.21 -12.70 12.71
N ARG C 125 -27.52 -11.41 12.64
CA ARG C 125 -28.34 -10.73 13.67
C ARG C 125 -28.98 -9.49 13.05
N LYS C 126 -30.16 -9.09 13.51
CA LYS C 126 -30.92 -8.02 12.82
C LYS C 126 -30.64 -6.69 13.53
N SER C 127 -29.71 -6.71 14.49
CA SER C 127 -29.08 -5.50 15.09
C SER C 127 -27.79 -5.88 15.82
N ASN C 128 -26.82 -4.97 15.84
CA ASN C 128 -25.55 -5.12 16.58
C ASN C 128 -25.83 -5.26 18.07
N LEU C 129 -25.05 -6.08 18.79
CA LEU C 129 -25.10 -6.19 20.27
C LEU C 129 -24.70 -4.87 20.93
N LYS C 130 -25.21 -4.63 22.12
CA LYS C 130 -24.80 -3.49 22.97
C LYS C 130 -23.58 -3.98 23.73
N PRO C 131 -22.65 -3.11 24.15
CA PRO C 131 -21.45 -3.57 24.83
C PRO C 131 -21.77 -4.51 26.00
N PHE C 132 -21.06 -5.63 26.08
CA PHE C 132 -21.14 -6.66 27.15
C PHE C 132 -22.51 -7.32 27.19
N GLU C 133 -23.22 -7.34 26.06
CA GLU C 133 -24.50 -8.07 25.86
C GLU C 133 -24.14 -9.48 25.34
N ARG C 134 -24.88 -10.49 25.78
CA ARG C 134 -24.79 -11.91 25.32
C ARG C 134 -26.15 -12.30 24.71
N ASP C 135 -26.18 -13.23 23.75
CA ASP C 135 -27.38 -13.68 23.00
C ASP C 135 -27.18 -15.15 22.60
N ILE C 136 -27.93 -16.07 23.19
CA ILE C 136 -27.92 -17.52 22.88
C ILE C 136 -29.05 -17.90 21.91
N SER C 137 -29.92 -17.00 21.46
CA SER C 137 -30.97 -17.32 20.46
C SER C 137 -30.45 -18.33 19.46
N THR C 138 -31.25 -19.35 19.18
CA THR C 138 -31.10 -20.27 18.03
C THR C 138 -32.30 -20.10 17.10
N GLU C 139 -32.97 -18.95 17.15
CA GLU C 139 -34.13 -18.61 16.27
C GLU C 139 -33.59 -18.54 14.85
N ILE C 140 -34.24 -19.21 13.92
CA ILE C 140 -33.89 -19.22 12.47
C ILE C 140 -33.90 -17.78 11.97
N TYR C 141 -32.82 -17.34 11.36
CA TYR C 141 -32.70 -15.96 10.84
C TYR C 141 -33.22 -15.93 9.43
N GLN C 142 -34.15 -15.02 9.16
CA GLN C 142 -34.78 -14.87 7.83
C GLN C 142 -34.20 -13.62 7.19
N ALA C 143 -33.52 -13.80 6.04
CA ALA C 143 -33.12 -12.73 5.10
C ALA C 143 -33.90 -12.85 3.79
N GLY C 144 -34.79 -13.84 3.65
CA GLY C 144 -35.69 -13.98 2.48
C GLY C 144 -37.03 -13.27 2.66
N SER C 145 -37.74 -13.00 1.55
CA SER C 145 -39.10 -12.39 1.54
C SER C 145 -40.09 -13.33 2.23
N THR C 146 -39.98 -14.63 1.94
CA THR C 146 -40.70 -15.74 2.62
C THR C 146 -40.28 -15.82 4.09
N PRO C 147 -41.20 -15.60 5.05
CA PRO C 147 -40.87 -15.78 6.46
C PRO C 147 -40.87 -17.29 6.73
N CYS C 148 -39.78 -17.81 7.29
CA CYS C 148 -39.68 -19.18 7.83
C CYS C 148 -40.60 -19.26 9.05
N ASN C 149 -41.28 -20.37 9.26
CA ASN C 149 -42.04 -20.61 10.53
C ASN C 149 -41.14 -21.47 11.41
N GLY C 150 -39.99 -20.91 11.79
CA GLY C 150 -38.91 -21.61 12.52
C GLY C 150 -38.42 -22.85 11.78
N VAL C 151 -38.51 -22.86 10.44
CA VAL C 151 -38.20 -24.06 9.60
C VAL C 151 -37.07 -23.67 8.63
N GLU C 152 -35.84 -24.12 8.90
CA GLU C 152 -34.65 -23.61 8.15
C GLU C 152 -34.76 -24.14 6.71
N GLY C 153 -34.25 -23.34 5.75
CA GLY C 153 -34.37 -23.52 4.28
C GLY C 153 -33.86 -22.30 3.55
N PHE C 154 -34.15 -22.17 2.25
CA PHE C 154 -33.76 -21.01 1.40
C PHE C 154 -34.01 -19.70 2.16
N ASN C 155 -32.92 -18.99 2.51
CA ASN C 155 -32.92 -17.68 3.20
C ASN C 155 -33.43 -17.85 4.63
N CYS C 156 -33.35 -19.07 5.15
CA CYS C 156 -33.79 -19.43 6.51
C CYS C 156 -32.65 -20.19 7.17
N TYR C 157 -31.61 -19.45 7.53
CA TYR C 157 -30.34 -19.98 8.11
C TYR C 157 -30.50 -20.01 9.63
N PHE C 158 -30.20 -21.15 10.24
CA PHE C 158 -29.76 -21.29 11.66
C PHE C 158 -28.65 -20.27 11.92
N PRO C 159 -28.74 -19.41 12.95
CA PRO C 159 -27.89 -18.23 13.00
C PRO C 159 -26.44 -18.56 13.42
N LEU C 160 -26.26 -19.60 14.24
CA LEU C 160 -24.91 -20.00 14.74
C LEU C 160 -24.22 -20.82 13.64
N GLN C 161 -22.92 -20.65 13.49
CA GLN C 161 -22.09 -21.35 12.48
C GLN C 161 -20.87 -21.91 13.20
N SER C 162 -20.15 -22.86 12.64
CA SER C 162 -19.03 -23.50 13.37
C SER C 162 -17.71 -23.17 12.69
N TYR C 163 -16.65 -23.12 13.49
CA TYR C 163 -15.24 -22.93 13.06
C TYR C 163 -14.66 -24.27 12.57
N GLY C 164 -14.04 -24.27 11.39
CA GLY C 164 -13.11 -25.33 11.01
C GLY C 164 -11.80 -25.15 11.77
N PHE C 165 -11.51 -26.02 12.74
CA PHE C 165 -10.24 -26.00 13.52
C PHE C 165 -9.49 -27.34 13.35
N GLN C 166 -9.03 -27.62 12.13
CA GLN C 166 -7.96 -28.62 11.91
C GLN C 166 -6.64 -27.91 12.23
N PRO C 167 -5.71 -28.59 12.94
CA PRO C 167 -4.46 -27.96 13.42
C PRO C 167 -3.41 -27.49 12.39
N THR C 168 -3.65 -27.68 11.10
CA THR C 168 -2.67 -27.37 10.03
C THR C 168 -3.26 -26.20 9.21
N ASN C 169 -4.45 -25.73 9.60
CA ASN C 169 -4.99 -24.40 9.19
C ASN C 169 -3.89 -23.35 9.45
N GLY C 170 -3.72 -22.38 8.53
CA GLY C 170 -2.81 -21.24 8.74
C GLY C 170 -3.21 -20.47 10.00
N VAL C 171 -2.27 -19.76 10.62
CA VAL C 171 -2.44 -19.17 11.98
C VAL C 171 -3.67 -18.23 11.98
N GLY C 172 -3.97 -17.56 10.87
CA GLY C 172 -5.22 -16.77 10.76
C GLY C 172 -6.43 -17.59 11.17
N TYR C 173 -6.63 -18.75 10.55
CA TYR C 173 -7.79 -19.66 10.76
C TYR C 173 -7.65 -20.54 12.02
N GLN C 174 -6.54 -20.47 12.76
CA GLN C 174 -6.32 -21.35 13.95
C GLN C 174 -7.08 -20.82 15.15
N PRO C 175 -7.37 -21.65 16.17
CA PRO C 175 -8.05 -21.19 17.38
C PRO C 175 -7.15 -20.45 18.37
N TYR C 176 -7.69 -19.39 18.99
CA TYR C 176 -7.04 -18.58 20.05
C TYR C 176 -8.01 -18.43 21.20
N ARG C 177 -7.58 -18.67 22.41
CA ARG C 177 -8.38 -18.34 23.61
C ARG C 177 -8.16 -16.87 23.96
N VAL C 178 -9.23 -16.20 24.36
CA VAL C 178 -9.27 -14.75 24.72
C VAL C 178 -9.73 -14.68 26.17
N VAL C 179 -9.19 -13.73 26.93
CA VAL C 179 -9.68 -13.40 28.30
C VAL C 179 -9.72 -11.87 28.34
N VAL C 180 -10.88 -11.26 28.53
CA VAL C 180 -10.98 -9.77 28.61
C VAL C 180 -11.21 -9.48 30.07
N LEU C 181 -10.26 -8.82 30.71
CA LEU C 181 -10.40 -8.33 32.10
C LEU C 181 -10.94 -6.93 31.98
N SER C 182 -11.92 -6.58 32.79
CA SER C 182 -12.61 -5.26 32.78
C SER C 182 -12.63 -4.75 34.22
N PHE C 183 -12.31 -3.48 34.44
CA PHE C 183 -12.16 -2.92 35.81
C PHE C 183 -13.20 -1.83 36.00
N GLU C 184 -14.12 -2.00 36.96
CA GLU C 184 -15.18 -0.99 37.22
C GLU C 184 -14.86 -0.27 38.53
N LEU C 185 -14.73 1.06 38.47
CA LEU C 185 -14.67 1.94 39.68
C LEU C 185 -16.08 2.47 39.94
N LEU C 186 -16.95 1.63 40.51
CA LEU C 186 -18.30 2.00 41.01
C LEU C 186 -18.17 2.80 42.31
N HIS C 187 -19.24 3.47 42.75
CA HIS C 187 -19.24 4.39 43.93
C HIS C 187 -18.80 3.64 45.20
N ALA C 188 -19.02 2.31 45.26
CA ALA C 188 -18.82 1.44 46.44
C ALA C 188 -17.34 1.27 46.79
N PRO C 189 -17.01 0.72 47.99
CA PRO C 189 -15.62 0.41 48.35
C PRO C 189 -14.94 -0.65 47.47
N ALA C 190 -13.74 -0.33 46.98
CA ALA C 190 -12.89 -1.21 46.15
C ALA C 190 -12.52 -2.46 46.95
N THR C 191 -12.82 -3.65 46.42
CA THR C 191 -12.74 -4.95 47.15
C THR C 191 -11.64 -5.85 46.57
N VAL C 192 -10.88 -5.36 45.59
CA VAL C 192 -9.86 -6.14 44.83
C VAL C 192 -8.81 -5.15 44.33
N CYS C 193 -7.61 -5.18 44.91
CA CYS C 193 -6.41 -4.44 44.44
C CYS C 193 -5.27 -5.43 44.22
N MET D 2 -19.01 -33.23 -1.73
CA MET D 2 -20.00 -33.38 -2.84
C MET D 2 -19.49 -32.65 -4.09
N GLN D 3 -19.82 -33.15 -5.27
CA GLN D 3 -19.61 -32.47 -6.58
C GLN D 3 -20.66 -32.93 -7.60
N LEU D 4 -20.81 -32.16 -8.68
CA LEU D 4 -21.72 -32.43 -9.82
C LEU D 4 -20.88 -32.64 -11.07
N VAL D 5 -21.10 -33.72 -11.81
CA VAL D 5 -20.35 -34.03 -13.07
C VAL D 5 -21.35 -33.98 -14.24
N GLN D 6 -21.08 -33.12 -15.22
CA GLN D 6 -21.94 -32.92 -16.42
C GLN D 6 -21.37 -33.67 -17.62
N SER D 7 -22.25 -33.96 -18.59
CA SER D 7 -21.95 -34.67 -19.86
C SER D 7 -21.10 -33.78 -20.77
N ILE D 20 -27.84 -34.38 -22.88
CA ILE D 20 -27.16 -33.33 -22.04
C ILE D 20 -27.75 -33.37 -20.62
N SER D 21 -26.97 -33.84 -19.65
CA SER D 21 -27.42 -34.19 -18.27
C SER D 21 -26.43 -33.68 -17.22
N CYS D 22 -26.89 -33.68 -15.96
CA CYS D 22 -26.11 -33.36 -14.73
C CYS D 22 -26.38 -34.37 -13.61
N LYS D 23 -25.33 -35.03 -13.12
CA LYS D 23 -25.39 -35.96 -11.97
C LYS D 23 -24.27 -35.59 -10.98
N GLY D 24 -24.44 -35.95 -9.70
CA GLY D 24 -23.48 -35.64 -8.62
C GLY D 24 -23.74 -36.43 -7.35
N SER D 25 -22.72 -36.54 -6.50
CA SER D 25 -22.72 -37.18 -5.15
C SER D 25 -21.34 -37.02 -4.51
N PHE D 29 -24.61 -36.88 2.68
CA PHE D 29 -25.22 -35.60 2.19
C PHE D 29 -25.20 -35.55 0.66
N ILE D 30 -26.38 -35.50 0.04
CA ILE D 30 -26.58 -35.33 -1.44
C ILE D 30 -27.63 -34.25 -1.69
N THR D 31 -27.41 -33.40 -2.71
CA THR D 31 -28.14 -32.12 -2.95
C THR D 31 -29.64 -32.36 -3.13
N TYR D 32 -30.47 -31.41 -2.67
CA TYR D 32 -31.95 -31.54 -2.52
C TYR D 32 -32.68 -30.72 -3.60
N TRP D 33 -31.92 -30.08 -4.49
CA TRP D 33 -32.40 -29.22 -5.60
C TRP D 33 -31.33 -29.22 -6.71
N ILE D 34 -31.74 -29.13 -7.97
CA ILE D 34 -30.82 -28.96 -9.14
C ILE D 34 -31.44 -27.98 -10.16
N GLY D 35 -30.80 -26.81 -10.32
CA GLY D 35 -31.15 -25.79 -11.33
C GLY D 35 -30.17 -25.81 -12.49
N TRP D 36 -30.26 -24.85 -13.43
CA TRP D 36 -29.49 -24.89 -14.71
C TRP D 36 -28.96 -23.50 -15.08
N VAL D 37 -27.64 -23.36 -15.26
CA VAL D 37 -26.94 -22.08 -15.60
C VAL D 37 -26.32 -22.18 -17.00
N ARG D 38 -26.74 -21.31 -17.93
CA ARG D 38 -26.27 -21.27 -19.34
C ARG D 38 -25.38 -20.04 -19.54
N GLN D 39 -24.43 -20.10 -20.48
CA GLN D 39 -23.41 -19.04 -20.72
C GLN D 39 -23.22 -18.84 -22.22
N MET D 40 -23.95 -17.89 -22.82
CA MET D 40 -23.76 -17.47 -24.24
C MET D 40 -22.41 -16.77 -24.38
N PRO D 41 -21.81 -16.73 -25.59
CA PRO D 41 -20.51 -16.09 -25.79
C PRO D 41 -20.45 -14.62 -25.32
N GLY D 42 -19.52 -14.31 -24.41
CA GLY D 42 -19.35 -12.98 -23.82
C GLY D 42 -20.63 -12.50 -23.16
N LYS D 43 -21.11 -13.26 -22.16
CA LYS D 43 -22.39 -13.02 -21.44
C LYS D 43 -22.24 -13.33 -19.94
N GLY D 44 -23.15 -12.79 -19.13
CA GLY D 44 -23.24 -13.06 -17.67
C GLY D 44 -24.01 -14.35 -17.41
N LEU D 45 -24.09 -14.75 -16.13
CA LEU D 45 -24.82 -15.97 -15.68
C LEU D 45 -26.30 -15.86 -16.07
N GLU D 46 -26.87 -16.92 -16.66
CA GLU D 46 -28.30 -17.03 -17.04
C GLU D 46 -28.90 -18.28 -16.36
N TRP D 47 -29.96 -18.12 -15.58
CA TRP D 47 -30.63 -19.27 -14.91
C TRP D 47 -31.64 -19.88 -15.89
N MET D 48 -31.58 -21.21 -16.08
CA MET D 48 -32.47 -21.98 -17.00
C MET D 48 -33.79 -22.26 -16.27
N GLY D 49 -33.77 -23.16 -15.27
CA GLY D 49 -34.94 -23.52 -14.45
C GLY D 49 -34.56 -24.36 -13.24
N ILE D 50 -35.53 -25.05 -12.66
CA ILE D 50 -35.35 -25.93 -11.45
C ILE D 50 -36.14 -27.22 -11.65
N ILE D 51 -35.72 -28.28 -10.95
CA ILE D 51 -36.45 -29.58 -10.79
C ILE D 51 -35.81 -30.31 -9.60
N TYR D 52 -36.47 -30.31 -8.43
CA TYR D 52 -36.00 -30.98 -7.19
C TYR D 52 -36.14 -32.50 -7.38
N PRO D 53 -35.02 -33.29 -7.35
CA PRO D 53 -35.07 -34.71 -7.67
C PRO D 53 -36.10 -35.54 -6.87
N GLY D 54 -36.10 -35.38 -5.54
CA GLY D 54 -37.07 -36.03 -4.63
C GLY D 54 -38.49 -35.82 -5.10
N ASP D 55 -38.91 -34.56 -5.21
CA ASP D 55 -40.28 -34.12 -5.64
C ASP D 55 -40.47 -34.46 -7.12
N SER D 56 -39.41 -34.34 -7.92
CA SER D 56 -39.41 -34.46 -9.41
C SER D 56 -40.44 -33.48 -9.99
N GLU D 57 -40.46 -32.25 -9.47
CA GLU D 57 -41.38 -31.14 -9.84
C GLU D 57 -40.54 -29.92 -10.25
N SER D 61 -38.05 -20.91 -15.53
CA SER D 61 -37.98 -19.46 -15.87
C SER D 61 -39.11 -19.10 -16.85
N PRO D 62 -39.91 -18.03 -16.61
CA PRO D 62 -40.89 -17.58 -17.60
C PRO D 62 -40.35 -17.06 -18.95
N SER D 63 -39.03 -17.06 -19.16
CA SER D 63 -38.36 -16.69 -20.44
C SER D 63 -37.76 -17.91 -21.14
N PHE D 64 -37.54 -19.03 -20.43
CA PHE D 64 -37.12 -20.33 -20.99
C PHE D 64 -38.29 -21.34 -20.98
N GLN D 65 -39.45 -20.95 -20.46
CA GLN D 65 -40.64 -21.84 -20.27
C GLN D 65 -41.23 -22.16 -21.65
N GLY D 66 -41.08 -23.41 -22.10
CA GLY D 66 -41.51 -23.89 -23.43
C GLY D 66 -40.52 -23.50 -24.52
N GLN D 67 -39.27 -23.21 -24.14
CA GLN D 67 -38.09 -23.12 -25.05
C GLN D 67 -37.25 -24.41 -24.88
N VAL D 68 -37.35 -25.04 -23.71
CA VAL D 68 -36.64 -26.30 -23.32
C VAL D 68 -37.57 -27.14 -22.43
N THR D 69 -37.14 -28.36 -22.07
CA THR D 69 -37.83 -29.29 -21.14
C THR D 69 -36.84 -29.73 -20.05
N ILE D 70 -37.24 -29.66 -18.77
CA ILE D 70 -36.36 -29.90 -17.60
C ILE D 70 -36.85 -31.16 -16.85
N SER D 71 -36.13 -32.28 -17.01
CA SER D 71 -36.45 -33.63 -16.46
C SER D 71 -35.43 -34.03 -15.38
N ALA D 72 -35.61 -35.22 -14.77
CA ALA D 72 -34.75 -35.75 -13.68
C ALA D 72 -34.85 -37.27 -13.57
N ASP D 73 -33.84 -37.90 -12.94
CA ASP D 73 -33.84 -39.31 -12.46
C ASP D 73 -33.16 -39.35 -11.08
N LYS D 74 -33.97 -39.52 -10.02
CA LYS D 74 -33.51 -39.61 -8.61
C LYS D 74 -32.60 -40.83 -8.43
N SER D 75 -32.93 -41.97 -9.06
CA SER D 75 -32.23 -43.27 -8.88
C SER D 75 -30.72 -43.10 -9.11
N ILE D 76 -30.32 -42.41 -10.19
CA ILE D 76 -28.89 -42.16 -10.54
C ILE D 76 -28.43 -40.82 -9.94
N ASN D 77 -29.31 -40.12 -9.23
CA ASN D 77 -29.09 -38.72 -8.76
C ASN D 77 -28.73 -37.87 -9.97
N THR D 78 -29.56 -37.93 -11.01
CA THR D 78 -29.36 -37.25 -12.32
C THR D 78 -30.50 -36.24 -12.54
N ALA D 79 -30.15 -35.03 -12.97
CA ALA D 79 -31.06 -33.97 -13.45
C ALA D 79 -30.69 -33.67 -14.91
N TYR D 80 -31.67 -33.37 -15.77
CA TYR D 80 -31.43 -33.22 -17.23
C TYR D 80 -32.06 -31.92 -17.78
N LEU D 81 -31.48 -31.45 -18.88
CA LEU D 81 -31.91 -30.30 -19.72
C LEU D 81 -32.00 -30.80 -21.17
N GLN D 82 -33.22 -30.90 -21.72
CA GLN D 82 -33.47 -31.55 -23.05
C GLN D 82 -34.21 -30.58 -23.98
N TRP D 83 -34.00 -30.75 -25.29
CA TRP D 83 -34.67 -29.98 -26.38
C TRP D 83 -35.37 -30.94 -27.36
N SER D 84 -36.24 -30.39 -28.21
CA SER D 84 -36.73 -31.00 -29.48
C SER D 84 -36.48 -30.02 -30.64
N SER D 85 -35.82 -28.88 -30.36
CA SER D 85 -35.66 -27.71 -31.26
C SER D 85 -34.19 -27.28 -31.28
N THR D 91 -26.04 -22.29 -28.54
CA THR D 91 -24.57 -22.13 -28.49
C THR D 91 -24.19 -21.65 -27.08
N ALA D 92 -23.55 -22.50 -26.26
CA ALA D 92 -23.24 -22.16 -24.84
C ALA D 92 -22.69 -23.36 -24.04
N ILE D 93 -22.45 -23.09 -22.75
CA ILE D 93 -22.11 -24.06 -21.66
C ILE D 93 -23.35 -24.26 -20.81
N TYR D 94 -23.59 -25.45 -20.27
CA TYR D 94 -24.73 -25.80 -19.36
C TYR D 94 -24.22 -26.19 -17.97
N TYR D 95 -24.43 -25.31 -16.97
CA TYR D 95 -24.02 -25.52 -15.56
C TYR D 95 -25.25 -25.83 -14.68
N CYS D 96 -25.21 -26.99 -14.03
CA CYS D 96 -26.17 -27.45 -12.99
C CYS D 96 -25.59 -27.14 -11.60
N ALA D 97 -26.37 -26.47 -10.75
CA ALA D 97 -26.01 -26.11 -9.36
C ALA D 97 -26.98 -26.79 -8.40
N GLY D 98 -26.47 -27.29 -7.27
CA GLY D 98 -27.25 -27.86 -6.15
C GLY D 98 -26.76 -27.30 -4.82
N GLY D 99 -27.23 -27.88 -3.69
CA GLY D 99 -26.82 -27.46 -2.34
C GLY D 99 -26.34 -28.63 -1.50
N SER D 100 -25.19 -28.46 -0.82
CA SER D 100 -24.64 -29.41 0.19
C SER D 100 -25.43 -29.29 1.49
N GLY D 101 -26.15 -28.17 1.66
CA GLY D 101 -27.03 -27.89 2.80
C GLY D 101 -28.34 -27.22 2.39
N ILE D 102 -29.40 -27.50 3.16
CA ILE D 102 -30.80 -26.97 2.96
C ILE D 102 -30.79 -25.45 3.16
N SER D 103 -30.00 -24.98 4.12
CA SER D 103 -29.77 -23.54 4.41
C SER D 103 -29.13 -22.87 3.20
N THR D 104 -27.87 -23.21 2.92
CA THR D 104 -26.96 -22.46 2.02
C THR D 104 -27.41 -22.64 0.57
N PRO D 105 -27.71 -21.53 -0.14
CA PRO D 105 -27.94 -21.57 -1.58
C PRO D 105 -26.66 -21.44 -2.43
N MET D 106 -26.73 -21.89 -3.70
CA MET D 106 -25.71 -21.69 -4.77
C MET D 106 -24.30 -21.88 -4.19
N ASP D 107 -23.92 -23.14 -3.95
CA ASP D 107 -22.79 -23.52 -3.06
C ASP D 107 -21.68 -24.17 -3.89
N VAL D 108 -22.01 -25.27 -4.59
CA VAL D 108 -21.13 -25.93 -5.61
C VAL D 108 -21.98 -26.19 -6.86
N TRP D 109 -21.33 -26.27 -8.02
CA TRP D 109 -21.94 -26.40 -9.38
C TRP D 109 -21.43 -27.69 -10.05
N GLY D 110 -21.58 -27.80 -11.38
CA GLY D 110 -20.83 -28.76 -12.22
C GLY D 110 -19.55 -28.12 -12.75
N GLN D 111 -18.94 -28.73 -13.77
CA GLN D 111 -17.79 -28.13 -14.52
C GLN D 111 -18.33 -27.38 -15.74
N GLY D 112 -19.57 -27.64 -16.16
CA GLY D 112 -20.22 -27.02 -17.32
C GLY D 112 -20.27 -27.96 -18.52
N THR D 113 -21.23 -27.71 -19.43
CA THR D 113 -21.45 -28.44 -20.71
C THR D 113 -21.42 -27.46 -21.89
N THR D 114 -20.41 -27.52 -22.77
CA THR D 114 -20.23 -26.68 -23.99
C THR D 114 -20.94 -27.32 -25.19
N VAL D 115 -22.06 -26.74 -25.64
CA VAL D 115 -22.86 -27.15 -26.84
C VAL D 115 -22.99 -25.92 -27.77
N THR D 116 -22.66 -26.11 -29.05
CA THR D 116 -22.36 -25.00 -30.00
C THR D 116 -23.35 -25.03 -31.17
N PRO D 129 -1.13 -15.44 -44.09
CA PRO D 129 0.29 -15.58 -43.78
C PRO D 129 1.04 -14.24 -43.77
N LEU D 130 1.04 -13.56 -42.62
CA LEU D 130 1.68 -12.26 -42.36
C LEU D 130 3.20 -12.44 -42.22
N ALA D 131 4.00 -11.58 -42.86
CA ALA D 131 5.47 -11.69 -42.90
C ALA D 131 6.08 -10.41 -42.34
N PRO D 132 7.17 -10.50 -41.53
CA PRO D 132 7.73 -9.33 -40.85
C PRO D 132 8.11 -8.19 -41.80
N SER D 133 7.93 -6.95 -41.34
CA SER D 133 8.27 -5.68 -42.07
C SER D 133 9.76 -5.67 -42.42
N SER D 134 10.07 -5.34 -43.68
CA SER D 134 11.43 -5.30 -44.26
C SER D 134 11.83 -3.84 -44.52
N GLY D 140 15.11 -2.82 -32.15
CA GLY D 140 15.50 -4.13 -32.71
C GLY D 140 14.47 -5.20 -32.41
N THR D 141 13.22 -4.99 -32.84
CA THR D 141 12.08 -5.93 -32.70
C THR D 141 11.12 -5.73 -33.88
N ALA D 142 10.96 -6.77 -34.71
CA ALA D 142 9.89 -6.91 -35.72
C ALA D 142 8.83 -7.86 -35.17
N ALA D 143 7.81 -8.15 -35.99
CA ALA D 143 6.65 -9.00 -35.61
C ALA D 143 6.15 -9.76 -36.84
N LEU D 144 5.69 -10.99 -36.61
CA LEU D 144 5.17 -11.86 -37.68
C LEU D 144 4.14 -12.82 -37.04
N GLY D 145 3.34 -13.52 -37.87
CA GLY D 145 2.16 -14.28 -37.39
C GLY D 145 1.62 -15.26 -38.42
N CYS D 146 0.35 -15.65 -38.23
CA CYS D 146 -0.45 -16.54 -39.11
C CYS D 146 -1.91 -16.09 -39.07
N LEU D 147 -2.48 -15.66 -40.20
CA LEU D 147 -3.92 -15.27 -40.32
C LEU D 147 -4.76 -16.53 -40.59
N VAL D 148 -5.61 -16.91 -39.63
CA VAL D 148 -6.59 -18.04 -39.73
C VAL D 148 -7.98 -17.46 -40.02
N LYS D 149 -8.54 -17.68 -41.21
CA LYS D 149 -9.72 -16.92 -41.73
C LYS D 149 -10.80 -17.87 -42.26
N ASP D 150 -12.04 -17.37 -42.30
CA ASP D 150 -13.25 -18.07 -42.83
C ASP D 150 -13.33 -19.47 -42.19
N TYR D 151 -13.64 -19.52 -40.90
CA TYR D 151 -13.79 -20.77 -40.11
C TYR D 151 -15.11 -20.75 -39.33
N PHE D 152 -15.68 -21.94 -39.15
CA PHE D 152 -16.87 -22.25 -38.31
C PHE D 152 -16.89 -23.75 -38.03
N PRO D 153 -17.53 -24.21 -36.93
CA PRO D 153 -17.83 -23.36 -35.77
C PRO D 153 -16.52 -23.06 -35.03
N GLU D 154 -16.27 -21.76 -34.74
CA GLU D 154 -15.23 -21.31 -33.78
C GLU D 154 -15.31 -22.24 -32.57
N PRO D 155 -14.21 -22.84 -32.05
CA PRO D 155 -12.94 -22.16 -31.76
C PRO D 155 -11.63 -22.60 -32.42
N VAL D 156 -10.71 -21.65 -32.65
CA VAL D 156 -9.37 -21.88 -33.27
C VAL D 156 -8.28 -21.87 -32.18
N THR D 157 -7.58 -23.01 -32.02
CA THR D 157 -6.40 -23.18 -31.12
C THR D 157 -5.15 -23.45 -31.98
N VAL D 158 -4.08 -22.68 -31.76
CA VAL D 158 -2.78 -22.77 -32.50
C VAL D 158 -1.61 -22.76 -31.51
N SER D 159 -0.42 -23.04 -32.03
CA SER D 159 0.89 -23.00 -31.32
C SER D 159 1.96 -22.57 -32.32
N TRP D 160 3.18 -22.28 -31.86
CA TRP D 160 4.30 -21.80 -32.70
C TRP D 160 5.48 -22.78 -32.65
N ASN D 161 6.04 -23.08 -33.83
CA ASN D 161 7.23 -23.96 -34.06
C ASN D 161 7.09 -25.21 -33.19
N SER D 162 5.95 -25.90 -33.29
CA SER D 162 5.62 -27.16 -32.56
C SER D 162 5.77 -26.95 -31.04
N GLY D 163 5.19 -25.86 -30.52
CA GLY D 163 5.06 -25.56 -29.08
C GLY D 163 6.36 -25.07 -28.44
N ALA D 164 7.45 -24.98 -29.22
CA ALA D 164 8.83 -24.71 -28.74
C ALA D 164 9.03 -23.20 -28.50
N LEU D 165 8.26 -22.34 -29.18
CA LEU D 165 8.40 -20.85 -29.14
C LEU D 165 7.14 -20.23 -28.54
N THR D 166 7.25 -19.58 -27.36
CA THR D 166 6.11 -18.96 -26.62
C THR D 166 6.45 -17.59 -26.02
N SER D 167 7.61 -16.98 -26.37
CA SER D 167 8.12 -15.71 -25.76
C SER D 167 7.91 -14.51 -26.72
N GLY D 168 6.78 -13.81 -26.58
CA GLY D 168 6.33 -12.70 -27.45
C GLY D 168 4.93 -12.93 -28.02
N VAL D 169 4.48 -14.19 -28.01
CA VAL D 169 3.25 -14.72 -28.68
C VAL D 169 1.96 -14.15 -28.06
N HIS D 170 1.04 -13.68 -28.90
CA HIS D 170 -0.33 -13.23 -28.53
C HIS D 170 -1.35 -13.82 -29.50
N THR D 171 -2.11 -14.84 -29.07
CA THR D 171 -3.14 -15.49 -29.92
C THR D 171 -4.51 -14.91 -29.58
N PHE D 172 -5.06 -14.15 -30.51
CA PHE D 172 -6.29 -13.33 -30.33
C PHE D 172 -7.50 -14.25 -30.29
N PRO D 173 -8.62 -13.82 -29.68
CA PRO D 173 -9.89 -14.53 -29.81
C PRO D 173 -10.45 -14.43 -31.24
N ALA D 174 -11.12 -15.49 -31.69
CA ALA D 174 -11.83 -15.57 -33.00
C ALA D 174 -12.95 -14.53 -33.03
N VAL D 175 -13.29 -14.02 -34.22
CA VAL D 175 -14.42 -13.05 -34.41
C VAL D 175 -15.40 -13.68 -35.42
N LEU D 176 -16.70 -13.36 -35.31
CA LEU D 176 -17.73 -13.65 -36.36
C LEU D 176 -17.84 -12.40 -37.25
N GLN D 177 -17.58 -12.55 -38.54
CA GLN D 177 -17.44 -11.44 -39.54
C GLN D 177 -18.79 -11.17 -40.21
N SER D 178 -18.87 -10.05 -40.94
CA SER D 178 -19.99 -9.66 -41.84
C SER D 178 -20.56 -10.90 -42.54
N SER D 179 -19.68 -11.78 -43.02
CA SER D 179 -19.99 -13.08 -43.68
C SER D 179 -20.81 -14.01 -42.76
N GLY D 180 -20.76 -13.84 -41.44
CA GLY D 180 -21.31 -14.78 -40.45
C GLY D 180 -20.31 -15.85 -40.02
N LEU D 181 -19.22 -16.01 -40.79
CA LEU D 181 -18.00 -16.81 -40.46
C LEU D 181 -17.05 -15.92 -39.66
N TYR D 182 -15.86 -16.40 -39.31
CA TYR D 182 -14.90 -15.60 -38.51
C TYR D 182 -13.52 -15.56 -39.20
N SER D 183 -12.67 -14.64 -38.71
CA SER D 183 -11.25 -14.43 -39.13
C SER D 183 -10.41 -14.16 -37.88
N LEU D 184 -9.41 -15.01 -37.61
CA LEU D 184 -8.53 -14.93 -36.40
C LEU D 184 -7.06 -14.87 -36.84
N SER D 185 -6.27 -13.97 -36.25
CA SER D 185 -4.81 -13.82 -36.49
C SER D 185 -4.04 -13.97 -35.17
N SER D 186 -2.93 -14.72 -35.21
CA SER D 186 -1.97 -14.92 -34.09
C SER D 186 -0.62 -14.33 -34.50
N VAL D 187 0.11 -13.66 -33.58
CA VAL D 187 1.37 -12.93 -33.93
C VAL D 187 2.51 -13.33 -32.97
N VAL D 188 3.71 -12.77 -33.20
CA VAL D 188 4.90 -12.92 -32.29
C VAL D 188 5.92 -11.84 -32.66
N THR D 189 6.39 -11.08 -31.67
CA THR D 189 7.58 -10.20 -31.77
C THR D 189 8.82 -11.11 -31.67
N VAL D 190 9.83 -10.83 -32.48
CA VAL D 190 11.13 -11.58 -32.47
C VAL D 190 12.26 -10.58 -32.70
N PRO D 191 13.49 -10.89 -32.22
CA PRO D 191 14.67 -10.09 -32.58
C PRO D 191 14.85 -9.94 -34.10
N SER D 192 14.96 -8.70 -34.58
CA SER D 192 15.28 -8.37 -36.00
C SER D 192 16.46 -9.21 -36.50
N SER D 193 17.38 -9.57 -35.60
CA SER D 193 18.54 -10.48 -35.83
C SER D 193 18.08 -11.81 -36.43
N SER D 194 17.10 -12.47 -35.80
CA SER D 194 16.54 -13.78 -36.19
C SER D 194 15.91 -13.71 -37.60
N LEU D 195 15.28 -12.57 -37.94
CA LEU D 195 14.75 -12.32 -39.30
C LEU D 195 15.88 -12.50 -40.31
N GLY D 196 15.66 -13.32 -41.34
CA GLY D 196 16.62 -13.59 -42.43
C GLY D 196 17.61 -14.67 -42.06
N THR D 197 17.47 -15.28 -40.88
CA THR D 197 18.33 -16.40 -40.39
C THR D 197 17.41 -17.60 -40.11
N GLN D 198 16.65 -17.57 -39.02
CA GLN D 198 15.73 -18.66 -38.60
C GLN D 198 14.48 -18.63 -39.49
N THR D 199 13.77 -19.76 -39.56
CA THR D 199 12.45 -19.93 -40.23
C THR D 199 11.39 -20.10 -39.15
N TYR D 200 10.13 -19.86 -39.47
CA TYR D 200 9.00 -19.95 -38.49
C TYR D 200 7.83 -20.73 -39.11
N ILE D 201 7.27 -21.66 -38.33
CA ILE D 201 6.13 -22.55 -38.72
C ILE D 201 5.11 -22.56 -37.56
N CYS D 202 3.94 -21.94 -37.76
CA CYS D 202 2.81 -21.95 -36.79
C CYS D 202 2.00 -23.24 -36.94
N ASP D 214 0.00 -25.86 -41.30
CA ASP D 214 1.28 -25.28 -40.79
C ASP D 214 1.85 -24.36 -41.88
N LYS D 215 2.05 -23.07 -41.59
CA LYS D 215 2.37 -22.02 -42.60
C LYS D 215 3.80 -21.52 -42.45
N LYS D 216 4.59 -21.56 -43.53
CA LYS D 216 6.04 -21.19 -43.57
C LYS D 216 6.18 -19.67 -43.72
N VAL D 217 6.37 -18.93 -42.61
CA VAL D 217 6.35 -17.44 -42.54
C VAL D 217 7.80 -16.91 -42.46
N GLU D 218 8.15 -16.03 -43.41
CA GLU D 218 9.52 -15.49 -43.65
C GLU D 218 9.36 -14.13 -44.31
N PRO D 219 10.43 -13.31 -44.41
CA PRO D 219 10.41 -12.11 -45.26
C PRO D 219 10.17 -12.47 -46.74
N LYS D 220 9.29 -11.73 -47.42
CA LYS D 220 9.04 -11.86 -48.89
C LYS D 220 10.33 -11.50 -49.64
N SER D 221 11.01 -10.43 -49.20
CA SER D 221 12.41 -10.04 -49.55
C SER D 221 12.63 -10.01 -51.06
N CYS D 222 12.01 -9.05 -51.75
CA CYS D 222 12.10 -8.83 -53.22
C CYS D 222 13.55 -8.56 -53.63
N ILE E 2 -37.17 -11.28 -10.10
CA ILE E 2 -36.68 -9.89 -9.86
C ILE E 2 -35.42 -9.66 -10.70
N GLN E 3 -35.25 -8.43 -11.21
CA GLN E 3 -34.20 -8.04 -12.18
C GLN E 3 -33.10 -7.22 -11.48
N MET E 4 -31.85 -7.65 -11.66
CA MET E 4 -30.64 -7.14 -10.98
C MET E 4 -29.98 -6.01 -11.80
N THR E 5 -29.22 -5.13 -11.14
CA THR E 5 -28.45 -4.02 -11.77
C THR E 5 -26.96 -4.42 -11.87
N GLN E 6 -26.18 -4.09 -10.82
CA GLN E 6 -24.69 -4.23 -10.67
C GLN E 6 -23.93 -3.22 -11.53
N SER E 7 -23.12 -2.39 -10.85
CA SER E 7 -22.32 -1.24 -11.36
C SER E 7 -20.95 -1.27 -10.69
N PRO E 8 -19.87 -0.67 -11.24
CA PRO E 8 -19.72 -0.39 -12.68
C PRO E 8 -19.18 -1.62 -13.44
N SER E 9 -19.03 -1.56 -14.76
CA SER E 9 -18.37 -2.62 -15.56
C SER E 9 -16.86 -2.39 -15.64
N SER E 10 -16.38 -1.19 -15.27
CA SER E 10 -14.98 -0.73 -15.45
C SER E 10 -14.38 -0.26 -14.12
N LEU E 11 -13.29 -0.92 -13.68
CA LEU E 11 -12.48 -0.54 -12.49
C LEU E 11 -10.99 -0.82 -12.76
N SER E 12 -10.14 0.18 -12.52
CA SER E 12 -8.66 0.10 -12.62
C SER E 12 -8.06 0.37 -11.24
N ALA E 13 -7.17 -0.51 -10.76
CA ALA E 13 -6.58 -0.45 -9.39
C ALA E 13 -5.35 -1.35 -9.27
N SER E 14 -4.36 -0.89 -8.49
CA SER E 14 -3.12 -1.62 -8.15
C SER E 14 -3.42 -2.62 -7.02
N VAL E 15 -2.47 -3.52 -6.73
CA VAL E 15 -2.59 -4.53 -5.65
C VAL E 15 -2.72 -3.78 -4.30
N GLY E 16 -3.58 -4.29 -3.42
CA GLY E 16 -3.71 -3.77 -2.04
C GLY E 16 -4.77 -2.70 -1.88
N ASP E 17 -5.34 -2.18 -2.98
CA ASP E 17 -6.24 -1.00 -2.94
C ASP E 17 -7.59 -1.41 -2.36
N ARG E 18 -8.24 -0.51 -1.59
CA ARG E 18 -9.63 -0.70 -1.11
C ARG E 18 -10.54 -0.63 -2.33
N VAL E 19 -11.45 -1.60 -2.51
CA VAL E 19 -12.34 -1.68 -3.69
C VAL E 19 -13.79 -1.70 -3.20
N THR E 20 -14.66 -0.93 -3.87
CA THR E 20 -16.09 -0.71 -3.51
C THR E 20 -16.96 -0.91 -4.76
N ILE E 21 -17.90 -1.87 -4.74
CA ILE E 21 -18.83 -2.19 -5.86
C ILE E 21 -20.26 -2.34 -5.30
N THR E 22 -21.27 -1.84 -6.02
CA THR E 22 -22.67 -1.71 -5.56
C THR E 22 -23.63 -2.36 -6.57
N CYS E 23 -24.49 -3.28 -6.13
CA CYS E 23 -25.47 -4.02 -6.99
C CYS E 23 -26.90 -3.70 -6.52
N ARG E 24 -27.74 -3.12 -7.40
CA ARG E 24 -29.12 -2.64 -7.09
C ARG E 24 -30.13 -3.77 -7.32
N ALA E 25 -31.33 -3.63 -6.74
CA ALA E 25 -32.40 -4.66 -6.64
C ALA E 25 -33.71 -4.17 -7.28
N SER E 26 -34.26 -4.93 -8.25
CA SER E 26 -35.51 -4.63 -9.01
C SER E 26 -36.73 -4.58 -8.07
N GLN E 27 -36.84 -5.49 -7.10
CA GLN E 27 -37.88 -5.49 -6.03
C GLN E 27 -37.25 -5.97 -4.72
N SER E 28 -37.72 -5.50 -3.56
CA SER E 28 -37.11 -5.79 -2.24
C SER E 28 -37.07 -7.31 -2.00
N ILE E 29 -35.86 -7.85 -1.85
CA ILE E 29 -35.59 -9.30 -1.59
C ILE E 29 -35.00 -9.43 -0.18
N TYR E 30 -35.25 -8.45 0.69
CA TYR E 30 -34.65 -8.37 2.04
C TYR E 30 -33.12 -8.50 1.87
N SER E 31 -32.49 -9.56 2.38
CA SER E 31 -31.01 -9.77 2.26
C SER E 31 -30.70 -11.09 1.53
N ALA E 32 -31.53 -11.57 0.61
CA ALA E 32 -31.29 -12.85 -0.09
C ALA E 32 -30.49 -12.60 -1.37
N LEU E 33 -29.27 -12.06 -1.20
CA LEU E 33 -28.34 -11.69 -2.30
C LEU E 33 -27.05 -12.49 -2.16
N ASN E 34 -26.66 -13.19 -3.22
CA ASN E 34 -25.38 -13.91 -3.35
C ASN E 34 -24.42 -12.98 -4.09
N TRP E 35 -23.11 -13.18 -3.94
CA TRP E 35 -22.02 -12.49 -4.69
C TRP E 35 -21.10 -13.57 -5.27
N TYR E 36 -20.89 -13.61 -6.58
CA TYR E 36 -20.05 -14.66 -7.23
C TYR E 36 -18.81 -13.98 -7.83
N GLN E 37 -17.76 -14.73 -8.14
CA GLN E 37 -16.52 -14.17 -8.75
C GLN E 37 -16.44 -14.57 -10.23
N LYS E 45 -17.47 -19.17 -8.68
CA LYS E 45 -17.31 -19.43 -7.23
C LYS E 45 -18.23 -18.49 -6.44
N LEU E 46 -18.92 -19.02 -5.42
CA LEU E 46 -19.72 -18.19 -4.47
C LEU E 46 -18.76 -17.56 -3.46
N LEU E 47 -18.86 -16.24 -3.28
CA LEU E 47 -17.99 -15.45 -2.37
C LEU E 47 -18.77 -15.12 -1.11
N ILE E 48 -19.69 -14.17 -1.24
CA ILE E 48 -20.51 -13.62 -0.15
C ILE E 48 -21.97 -13.97 -0.43
N TYR E 49 -22.67 -14.54 0.54
CA TYR E 49 -24.13 -14.84 0.48
C TYR E 49 -24.88 -14.06 1.56
N ALA E 50 -26.18 -13.87 1.37
CA ALA E 50 -27.08 -13.17 2.31
C ALA E 50 -26.47 -11.83 2.72
N ALA E 51 -25.95 -11.07 1.75
CA ALA E 51 -25.49 -9.65 1.86
C ALA E 51 -24.10 -9.54 2.50
N SER E 52 -23.85 -10.18 3.67
CA SER E 52 -22.57 -10.06 4.41
C SER E 52 -21.92 -11.41 4.81
N ALA E 53 -22.59 -12.57 4.65
CA ALA E 53 -22.06 -13.89 5.08
C ALA E 53 -20.98 -14.42 4.11
N LEU E 54 -19.90 -15.04 4.61
CA LEU E 54 -18.71 -15.43 3.80
C LEU E 54 -18.64 -16.95 3.58
N GLN E 55 -18.61 -17.38 2.31
CA GLN E 55 -18.54 -18.82 1.92
C GLN E 55 -17.22 -19.38 2.45
N SER E 56 -17.23 -20.58 3.03
CA SER E 56 -16.02 -21.19 3.63
C SER E 56 -14.92 -21.30 2.57
N GLY E 57 -13.69 -20.91 2.95
CA GLY E 57 -12.49 -20.94 2.08
C GLY E 57 -12.28 -19.64 1.30
N VAL E 58 -13.19 -18.67 1.41
CA VAL E 58 -13.03 -17.31 0.80
C VAL E 58 -12.25 -16.42 1.77
N PRO E 59 -11.23 -15.67 1.30
CA PRO E 59 -10.43 -14.83 2.19
C PRO E 59 -11.26 -13.71 2.85
N SER E 60 -10.87 -13.29 4.06
CA SER E 60 -11.63 -12.32 4.88
C SER E 60 -11.42 -10.90 4.36
N ARG E 61 -10.54 -10.71 3.37
CA ARG E 61 -10.35 -9.43 2.64
C ARG E 61 -11.72 -8.96 2.15
N PHE E 62 -12.46 -9.84 1.48
CA PHE E 62 -13.82 -9.57 0.93
C PHE E 62 -14.82 -9.34 2.06
N SER E 63 -15.66 -8.32 1.89
CA SER E 63 -16.75 -7.92 2.82
C SER E 63 -17.87 -7.23 2.03
N GLY E 64 -19.14 -7.48 2.35
CA GLY E 64 -20.31 -6.82 1.73
C GLY E 64 -21.32 -6.35 2.77
N SER E 65 -21.99 -5.23 2.50
CA SER E 65 -23.01 -4.59 3.38
C SER E 65 -24.23 -4.15 2.56
N GLY E 66 -25.42 -4.65 2.91
CA GLY E 66 -26.67 -4.41 2.15
C GLY E 66 -27.89 -5.02 2.83
N SER E 67 -29.10 -4.52 2.49
CA SER E 67 -30.44 -4.97 3.00
C SER E 67 -31.55 -4.35 2.14
N GLY E 68 -32.70 -5.03 2.06
CA GLY E 68 -33.84 -4.63 1.20
C GLY E 68 -33.49 -4.66 -0.29
N THR E 69 -33.37 -3.49 -0.92
CA THR E 69 -33.17 -3.32 -2.39
C THR E 69 -31.80 -2.71 -2.69
N ASP E 70 -30.90 -2.59 -1.70
CA ASP E 70 -29.58 -1.89 -1.80
C ASP E 70 -28.49 -2.73 -1.09
N PHE E 71 -27.31 -2.86 -1.73
CA PHE E 71 -26.14 -3.67 -1.25
C PHE E 71 -24.81 -3.09 -1.78
N THR E 72 -23.65 -3.49 -1.22
CA THR E 72 -22.27 -3.17 -1.73
C THR E 72 -21.33 -4.38 -1.61
N LEU E 73 -20.08 -4.24 -2.09
CA LEU E 73 -18.97 -5.24 -1.98
C LEU E 73 -17.62 -4.52 -1.76
N THR E 74 -16.77 -5.06 -0.88
CA THR E 74 -15.50 -4.42 -0.42
C THR E 74 -14.36 -5.45 -0.47
N ILE E 75 -13.17 -5.05 -0.94
CA ILE E 75 -11.91 -5.85 -0.82
C ILE E 75 -10.81 -4.95 -0.21
N SER E 76 -10.22 -5.38 0.92
CA SER E 76 -9.30 -4.56 1.78
C SER E 76 -8.02 -4.19 1.02
N SER E 77 -7.23 -5.19 0.65
CA SER E 77 -5.97 -5.00 -0.11
C SER E 77 -5.96 -5.95 -1.31
N LEU E 78 -6.16 -5.44 -2.53
CA LEU E 78 -6.30 -6.31 -3.72
C LEU E 78 -5.06 -7.19 -3.90
N GLN E 79 -5.27 -8.51 -3.79
CA GLN E 79 -4.28 -9.56 -4.14
C GLN E 79 -4.30 -9.73 -5.66
N PRO E 80 -3.20 -10.22 -6.30
CA PRO E 80 -3.19 -10.37 -7.75
C PRO E 80 -4.35 -11.22 -8.26
N GLU E 81 -4.61 -12.37 -7.63
CA GLU E 81 -5.61 -13.37 -8.09
C GLU E 81 -7.03 -12.79 -8.08
N ASP E 82 -7.30 -11.73 -7.31
CA ASP E 82 -8.68 -11.18 -7.16
C ASP E 82 -9.11 -10.46 -8.44
N PHE E 83 -8.18 -10.09 -9.33
CA PHE E 83 -8.52 -9.46 -10.62
C PHE E 83 -9.42 -10.40 -11.42
N ALA E 84 -10.63 -9.91 -11.76
CA ALA E 84 -11.74 -10.62 -12.43
C ALA E 84 -12.96 -9.70 -12.49
N THR E 85 -14.12 -10.27 -12.85
CA THR E 85 -15.45 -9.61 -12.91
C THR E 85 -16.43 -10.39 -12.01
N TYR E 86 -17.19 -9.69 -11.15
CA TYR E 86 -18.10 -10.29 -10.14
C TYR E 86 -19.56 -9.95 -10.44
N TYR E 87 -20.47 -10.92 -10.24
CA TYR E 87 -21.92 -10.83 -10.54
C TYR E 87 -22.74 -11.20 -9.28
N CYS E 88 -23.73 -10.37 -8.91
CA CYS E 88 -24.69 -10.59 -7.80
C CYS E 88 -25.83 -11.50 -8.26
N GLN E 89 -26.76 -11.83 -7.37
CA GLN E 89 -28.06 -12.45 -7.76
C GLN E 89 -29.10 -12.30 -6.64
N GLN E 90 -30.32 -12.78 -6.89
CA GLN E 90 -31.41 -12.86 -5.89
C GLN E 90 -31.75 -14.33 -5.61
N THR E 91 -31.81 -14.70 -4.34
CA THR E 91 -32.24 -16.06 -3.88
C THR E 91 -33.66 -15.95 -3.29
N ASP E 92 -34.35 -14.82 -3.53
CA ASP E 92 -35.70 -14.47 -2.99
C ASP E 92 -36.78 -15.40 -3.54
N ILE E 93 -36.80 -15.58 -4.87
CA ILE E 93 -37.94 -16.15 -5.65
C ILE E 93 -37.42 -16.64 -7.02
N HIS E 94 -38.10 -17.63 -7.60
CA HIS E 94 -37.75 -18.26 -8.89
C HIS E 94 -38.24 -17.35 -10.02
N PRO E 95 -37.51 -17.20 -11.15
CA PRO E 95 -36.22 -17.83 -11.37
C PRO E 95 -35.14 -16.99 -10.67
N TYR E 96 -33.97 -17.57 -10.41
CA TYR E 96 -32.89 -16.89 -9.64
C TYR E 96 -32.00 -16.16 -10.64
N THR E 97 -32.56 -15.13 -11.30
CA THR E 97 -31.87 -14.27 -12.30
C THR E 97 -30.67 -13.55 -11.64
N PHE E 98 -29.46 -13.77 -12.22
CA PHE E 98 -28.16 -13.19 -11.82
C PHE E 98 -28.09 -11.73 -12.28
N GLY E 99 -26.97 -11.04 -12.00
CA GLY E 99 -26.78 -9.61 -12.32
C GLY E 99 -26.29 -9.42 -13.74
N GLN E 100 -25.91 -8.18 -14.08
CA GLN E 100 -25.34 -7.79 -15.39
C GLN E 100 -23.90 -8.29 -15.49
N GLY E 101 -23.04 -7.87 -14.54
CA GLY E 101 -21.58 -8.09 -14.53
C GLY E 101 -20.82 -6.86 -14.03
N THR E 102 -19.59 -7.08 -13.53
CA THR E 102 -18.60 -6.04 -13.13
C THR E 102 -17.18 -6.63 -13.14
N LYS E 103 -16.21 -5.96 -13.77
CA LYS E 103 -14.80 -6.42 -14.01
C LYS E 103 -13.79 -5.40 -13.49
N VAL E 104 -12.70 -5.90 -12.88
CA VAL E 104 -11.62 -5.10 -12.22
C VAL E 104 -10.26 -5.42 -12.88
N GLU E 105 -9.49 -4.40 -13.26
CA GLU E 105 -8.25 -4.50 -14.08
C GLU E 105 -7.13 -3.68 -13.42
N ILE E 106 -5.87 -4.14 -13.54
CA ILE E 106 -4.69 -3.61 -12.79
C ILE E 106 -4.32 -2.25 -13.37
N LYS E 107 -3.92 -1.31 -12.51
CA LYS E 107 -3.49 0.05 -12.93
C LYS E 107 -1.97 0.05 -13.09
N ARG E 108 -1.50 0.34 -14.30
CA ARG E 108 -0.07 0.49 -14.66
C ARG E 108 0.06 1.78 -15.48
N THR E 109 1.24 2.39 -15.47
CA THR E 109 1.52 3.69 -16.12
C THR E 109 1.17 3.62 -17.61
N VAL E 110 0.68 4.72 -18.18
CA VAL E 110 0.34 4.86 -19.63
C VAL E 110 1.49 4.27 -20.47
N ALA E 111 1.20 3.29 -21.33
CA ALA E 111 2.17 2.64 -22.24
C ALA E 111 1.70 2.87 -23.67
N ALA E 112 2.48 3.60 -24.47
CA ALA E 112 2.20 3.85 -25.91
C ALA E 112 2.29 2.51 -26.65
N PRO E 113 1.52 2.31 -27.74
CA PRO E 113 1.48 1.04 -28.45
C PRO E 113 2.44 0.99 -29.64
N SER E 114 3.06 -0.17 -29.89
CA SER E 114 3.94 -0.40 -31.07
C SER E 114 3.06 -0.88 -32.24
N VAL E 115 2.98 -0.10 -33.33
CA VAL E 115 2.00 -0.34 -34.43
C VAL E 115 2.73 -0.98 -35.62
N PHE E 116 2.25 -2.14 -36.06
CA PHE E 116 2.86 -2.99 -37.12
C PHE E 116 1.79 -3.42 -38.12
N ILE E 117 2.09 -3.29 -39.42
CA ILE E 117 1.11 -3.55 -40.52
C ILE E 117 1.64 -4.67 -41.42
N PHE E 118 1.00 -5.84 -41.35
CA PHE E 118 1.28 -7.05 -42.17
C PHE E 118 0.48 -6.99 -43.46
N PRO E 119 1.14 -7.08 -44.64
CA PRO E 119 0.44 -7.09 -45.93
C PRO E 119 -0.04 -8.48 -46.36
N PRO E 120 -1.03 -8.56 -47.27
CA PRO E 120 -1.65 -9.83 -47.67
C PRO E 120 -0.83 -10.74 -48.60
N SER E 121 -0.99 -12.06 -48.44
CA SER E 121 -0.21 -13.11 -49.14
C SER E 121 -0.83 -13.44 -50.50
N ASP E 122 0.00 -13.74 -51.49
CA ASP E 122 -0.42 -14.31 -52.81
C ASP E 122 -1.50 -15.37 -52.55
N GLU E 123 -1.32 -16.17 -51.49
CA GLU E 123 -2.23 -17.27 -51.04
C GLU E 123 -3.68 -16.77 -50.94
N GLN E 124 -3.91 -15.67 -50.20
CA GLN E 124 -5.25 -15.06 -49.97
C GLN E 124 -5.74 -14.37 -51.27
N LEU E 125 -4.85 -13.71 -52.02
CA LEU E 125 -5.17 -13.04 -53.32
C LEU E 125 -5.27 -14.12 -54.41
N ALA E 130 -8.56 -10.70 -50.01
CA ALA E 130 -7.39 -9.86 -49.68
C ALA E 130 -7.53 -9.29 -48.27
N SER E 131 -6.72 -9.81 -47.32
CA SER E 131 -6.80 -9.50 -45.86
C SER E 131 -5.50 -8.83 -45.36
N VAL E 132 -5.57 -7.54 -45.03
CA VAL E 132 -4.42 -6.68 -44.60
C VAL E 132 -4.55 -6.34 -43.11
N VAL E 133 -3.67 -6.88 -42.24
CA VAL E 133 -3.85 -6.91 -40.75
C VAL E 133 -2.92 -5.89 -40.07
N CYS E 134 -3.45 -5.17 -39.06
CA CYS E 134 -2.74 -4.13 -38.26
C CYS E 134 -2.60 -4.58 -36.81
N LEU E 135 -1.46 -4.24 -36.18
CA LEU E 135 -1.03 -4.71 -34.83
C LEU E 135 -0.66 -3.50 -33.99
N LEU E 136 -1.17 -3.47 -32.75
CA LEU E 136 -0.81 -2.51 -31.68
C LEU E 136 -0.37 -3.36 -30.50
N ASN E 137 0.94 -3.49 -30.27
CA ASN E 137 1.47 -4.46 -29.29
C ASN E 137 1.71 -3.75 -27.95
N ASN E 138 1.26 -4.40 -26.86
CA ASN E 138 1.78 -4.26 -25.48
C ASN E 138 1.50 -2.85 -24.93
N PHE E 139 0.22 -2.52 -24.69
CA PHE E 139 -0.23 -1.14 -24.35
C PHE E 139 -1.23 -1.12 -23.18
N TYR E 140 -1.33 0.05 -22.54
CA TYR E 140 -2.32 0.43 -21.49
C TYR E 140 -2.65 1.91 -21.66
N PRO E 141 -3.92 2.36 -21.50
CA PRO E 141 -5.05 1.49 -21.14
C PRO E 141 -5.69 0.75 -22.32
N ARG E 142 -6.73 -0.05 -22.04
CA ARG E 142 -7.49 -0.90 -23.01
C ARG E 142 -8.02 -0.06 -24.18
N GLU E 143 -8.33 1.21 -23.95
CA GLU E 143 -8.97 2.15 -24.90
C GLU E 143 -7.99 2.53 -26.01
N ALA E 144 -8.36 2.28 -27.27
CA ALA E 144 -7.55 2.55 -28.48
C ALA E 144 -8.41 2.35 -29.74
N LYS E 145 -8.45 3.32 -30.66
CA LYS E 145 -9.26 3.27 -31.91
C LYS E 145 -8.33 3.11 -33.12
N VAL E 146 -8.70 2.19 -34.02
CA VAL E 146 -7.91 1.70 -35.17
C VAL E 146 -8.68 2.00 -36.46
N GLN E 147 -8.40 3.13 -37.13
CA GLN E 147 -9.04 3.55 -38.41
C GLN E 147 -8.21 3.02 -39.58
N TRP E 148 -8.87 2.37 -40.55
CA TRP E 148 -8.27 1.90 -41.82
C TRP E 148 -8.47 2.94 -42.93
N LYS E 149 -7.41 3.28 -43.67
CA LYS E 149 -7.42 4.31 -44.74
C LYS E 149 -6.72 3.78 -46.02
N VAL E 150 -7.51 3.27 -46.97
CA VAL E 150 -7.05 2.77 -48.30
C VAL E 150 -7.06 3.94 -49.30
N ASP E 151 -5.90 4.55 -49.58
CA ASP E 151 -5.77 5.72 -50.47
C ASP E 151 -6.68 6.83 -49.92
N ASN E 152 -6.45 7.19 -48.65
CA ASN E 152 -7.10 8.32 -47.93
C ASN E 152 -8.59 8.05 -47.68
N ALA E 153 -9.06 6.82 -47.94
CA ALA E 153 -10.49 6.42 -47.94
C ALA E 153 -10.83 5.54 -46.73
N LEU E 154 -11.62 6.08 -45.80
CA LEU E 154 -11.93 5.45 -44.48
C LEU E 154 -12.90 4.29 -44.70
N GLN E 155 -12.56 3.11 -44.16
CA GLN E 155 -13.26 1.80 -44.38
C GLN E 155 -14.09 1.42 -43.16
N SER E 156 -15.29 0.87 -43.37
CA SER E 156 -16.35 0.70 -42.35
C SER E 156 -17.19 -0.54 -42.65
N GLY E 157 -17.26 -1.49 -41.71
CA GLY E 157 -17.89 -2.82 -41.85
C GLY E 157 -16.85 -3.89 -42.13
N ASN E 158 -16.06 -3.70 -43.19
CA ASN E 158 -15.02 -4.62 -43.73
C ASN E 158 -13.92 -4.91 -42.71
N SER E 159 -13.81 -4.11 -41.64
CA SER E 159 -12.77 -4.20 -40.59
C SER E 159 -13.27 -5.03 -39.39
N GLN E 160 -12.34 -5.64 -38.65
CA GLN E 160 -12.64 -6.53 -37.48
C GLN E 160 -11.45 -6.56 -36.51
N GLU E 161 -11.58 -5.91 -35.35
CA GLU E 161 -10.52 -5.84 -34.30
C GLU E 161 -10.85 -6.83 -33.18
N SER E 162 -9.83 -7.38 -32.50
CA SER E 162 -9.96 -8.36 -31.39
C SER E 162 -8.77 -8.24 -30.42
N VAL E 163 -9.06 -8.05 -29.12
CA VAL E 163 -8.09 -7.66 -28.06
C VAL E 163 -7.74 -8.90 -27.22
N THR E 164 -6.66 -8.81 -26.44
CA THR E 164 -6.19 -9.85 -25.48
C THR E 164 -6.89 -9.68 -24.13
N GLU E 165 -6.95 -10.75 -23.34
CA GLU E 165 -7.09 -10.67 -21.87
C GLU E 165 -5.77 -10.09 -21.33
N GLN E 166 -5.86 -9.16 -20.37
CA GLN E 166 -4.74 -8.42 -19.75
C GLN E 166 -3.55 -9.38 -19.53
N ASP E 167 -2.38 -9.03 -20.08
CA ASP E 167 -1.17 -9.90 -20.17
C ASP E 167 -0.77 -10.39 -18.77
N SER E 168 -0.57 -11.72 -18.66
CA SER E 168 -0.15 -12.48 -17.45
C SER E 168 1.11 -11.86 -16.84
N LYS E 169 2.04 -11.40 -17.70
CA LYS E 169 3.34 -10.82 -17.29
C LYS E 169 3.15 -9.34 -16.91
N ASP E 170 3.03 -8.46 -17.90
CA ASP E 170 3.18 -6.99 -17.78
C ASP E 170 1.80 -6.32 -17.80
N SER E 171 0.74 -7.11 -17.69
CA SER E 171 -0.66 -6.64 -17.50
C SER E 171 -1.07 -5.61 -18.59
N THR E 172 -0.32 -5.51 -19.70
CA THR E 172 -0.67 -4.66 -20.88
C THR E 172 -1.61 -5.42 -21.82
N TYR E 173 -2.28 -4.67 -22.70
CA TYR E 173 -3.20 -5.18 -23.73
C TYR E 173 -2.47 -5.21 -25.07
N SER E 174 -3.04 -5.91 -26.06
CA SER E 174 -2.55 -6.05 -27.45
C SER E 174 -3.77 -6.18 -28.37
N LEU E 175 -3.80 -5.47 -29.50
CA LEU E 175 -5.00 -5.39 -30.38
C LEU E 175 -4.65 -5.75 -31.82
N SER E 176 -5.60 -6.39 -32.52
CA SER E 176 -5.42 -7.10 -33.80
C SER E 176 -6.50 -6.67 -34.80
N SER E 177 -6.34 -5.52 -35.45
CA SER E 177 -7.24 -5.12 -36.56
C SER E 177 -7.10 -6.17 -37.68
N THR E 178 -8.09 -6.29 -38.57
CA THR E 178 -8.07 -7.19 -39.75
C THR E 178 -9.05 -6.66 -40.80
N LEU E 179 -8.56 -5.83 -41.72
CA LEU E 179 -9.36 -5.23 -42.82
C LEU E 179 -9.46 -6.27 -43.95
N THR E 180 -10.68 -6.46 -44.47
CA THR E 180 -11.07 -7.49 -45.47
C THR E 180 -11.57 -6.78 -46.73
N LEU E 181 -10.99 -7.12 -47.89
CA LEU E 181 -11.33 -6.48 -49.19
C LEU E 181 -11.38 -7.53 -50.31
N SER E 182 -12.22 -7.27 -51.32
CA SER E 182 -12.23 -7.98 -52.62
C SER E 182 -10.89 -7.70 -53.30
N LYS E 183 -10.25 -8.72 -53.86
CA LYS E 183 -8.94 -8.63 -54.57
C LYS E 183 -8.94 -7.41 -55.51
N ALA E 184 -9.97 -7.26 -56.34
CA ALA E 184 -10.04 -6.19 -57.37
C ALA E 184 -10.06 -4.81 -56.70
N ASP E 185 -10.84 -4.65 -55.63
CA ASP E 185 -10.90 -3.40 -54.81
C ASP E 185 -9.51 -3.13 -54.24
N TYR E 186 -8.83 -4.16 -53.74
CA TYR E 186 -7.44 -4.07 -53.19
C TYR E 186 -6.51 -3.47 -54.25
N GLU E 187 -6.50 -4.09 -55.44
CA GLU E 187 -5.69 -3.70 -56.63
C GLU E 187 -6.05 -2.29 -57.13
N LYS E 188 -7.14 -1.70 -56.66
CA LYS E 188 -7.68 -0.42 -57.19
C LYS E 188 -6.90 0.75 -56.61
N HIS E 189 -6.32 0.57 -55.43
CA HIS E 189 -5.55 1.60 -54.67
C HIS E 189 -4.13 1.11 -54.43
N LYS E 190 -3.24 2.03 -54.05
CA LYS E 190 -1.83 1.73 -53.67
C LYS E 190 -1.74 1.73 -52.14
N VAL E 191 -2.41 2.68 -51.48
CA VAL E 191 -2.23 2.98 -50.03
C VAL E 191 -2.91 1.89 -49.19
N TYR E 192 -2.28 1.54 -48.07
CA TYR E 192 -2.81 0.64 -47.02
C TYR E 192 -2.33 1.16 -45.65
N ALA E 193 -2.97 2.21 -45.14
CA ALA E 193 -2.62 2.92 -43.87
C ALA E 193 -3.46 2.41 -42.69
N CYS E 194 -2.91 2.55 -41.49
CA CYS E 194 -3.50 2.16 -40.17
C CYS E 194 -3.18 3.28 -39.19
N GLU E 195 -4.09 4.27 -39.09
CA GLU E 195 -4.00 5.45 -38.19
C GLU E 195 -4.48 5.02 -36.79
N VAL E 196 -3.62 5.11 -35.79
CA VAL E 196 -3.91 4.63 -34.40
C VAL E 196 -4.08 5.84 -33.47
N THR E 197 -5.25 5.92 -32.82
CA THR E 197 -5.66 6.94 -31.83
C THR E 197 -5.63 6.29 -30.43
N HIS E 198 -4.71 6.72 -29.56
CA HIS E 198 -4.46 6.12 -28.22
C HIS E 198 -3.83 7.14 -27.27
N GLN E 199 -4.06 6.96 -25.97
CA GLN E 199 -3.56 7.87 -24.91
C GLN E 199 -2.02 7.93 -24.96
N GLY E 200 -1.39 6.81 -25.30
CA GLY E 200 0.07 6.61 -25.26
C GLY E 200 0.81 7.41 -26.33
N LEU E 201 0.10 7.91 -27.34
CA LEU E 201 0.65 8.76 -28.44
C LEU E 201 0.01 10.15 -28.36
N SER E 202 0.81 11.20 -28.62
CA SER E 202 0.43 12.63 -28.54
C SER E 202 -0.68 12.94 -29.56
N SER E 203 -0.48 12.50 -30.79
CA SER E 203 -1.42 12.63 -31.94
C SER E 203 -1.43 11.32 -32.72
N PRO E 204 -2.42 11.09 -33.63
CA PRO E 204 -2.56 9.80 -34.31
C PRO E 204 -1.27 9.31 -34.99
N VAL E 205 -1.02 7.99 -34.97
CA VAL E 205 0.17 7.34 -35.59
C VAL E 205 -0.31 6.41 -36.71
N THR E 206 0.22 6.63 -37.93
CA THR E 206 -0.06 5.87 -39.18
C THR E 206 1.03 4.82 -39.41
N LYS E 207 0.64 3.59 -39.75
CA LYS E 207 1.55 2.57 -40.34
C LYS E 207 0.92 2.15 -41.66
N SER E 208 1.72 2.09 -42.72
CA SER E 208 1.24 2.01 -44.12
C SER E 208 2.22 1.20 -44.96
N PHE E 209 1.73 0.60 -46.03
CA PHE E 209 2.54 -0.08 -47.07
C PHE E 209 1.92 0.25 -48.42
N ASN E 210 2.62 -0.11 -49.50
CA ASN E 210 2.16 0.06 -50.89
C ASN E 210 2.20 -1.30 -51.58
N ARG E 211 1.10 -1.70 -52.22
CA ARG E 211 1.02 -2.93 -53.05
C ARG E 211 2.13 -2.87 -54.09
N GLY E 212 2.81 -4.00 -54.36
CA GLY E 212 3.80 -4.15 -55.45
C GLY E 212 5.05 -3.35 -55.19
N GLU E 213 5.51 -3.37 -53.93
CA GLU E 213 6.67 -2.63 -53.37
C GLU E 213 7.33 -3.49 -52.30
N CYS E 214 8.35 -2.95 -51.61
CA CYS E 214 9.14 -3.60 -50.52
C CYS E 214 10.19 -2.62 -49.98
C1 NAG F . -1.94 -20.89 34.74
C2 NAG F . -1.55 -20.42 36.11
C3 NAG F . -0.18 -19.78 36.15
C4 NAG F . 0.80 -20.77 35.59
C5 NAG F . 0.34 -21.19 34.21
C6 NAG F . 1.14 -22.34 33.66
C7 NAG F . -2.60 -18.27 36.18
C8 NAG F . -2.65 -18.11 34.70
N2 NAG F . -2.45 -19.46 36.71
O3 NAG F . 0.12 -19.57 37.53
O4 NAG F . 2.08 -20.15 35.49
O5 NAG F . -0.94 -21.77 34.35
O6 NAG F . 1.17 -23.27 34.75
O7 NAG F . -2.52 -17.33 36.92
C1 NAG F . 3.08 -20.96 36.14
C2 NAG F . 4.44 -20.52 35.62
C3 NAG F . 5.48 -21.45 36.20
C4 NAG F . 5.39 -21.46 37.70
C5 NAG F . 3.97 -21.80 38.12
C6 NAG F . 3.75 -21.75 39.63
C7 NAG F . 4.60 -21.46 33.29
C8 NAG F . 4.84 -22.87 33.75
N2 NAG F . 4.43 -20.46 34.17
O3 NAG F . 6.77 -21.02 35.80
O4 NAG F . 6.26 -22.50 38.11
O5 NAG F . 3.05 -20.90 37.55
O6 NAG F . 2.63 -22.59 39.97
O7 NAG F . 4.57 -21.22 32.10
C1 FUC F . 2.04 -24.45 34.86
C2 FUC F . 1.91 -25.05 36.26
C3 FUC F . 0.65 -25.85 36.50
C4 FUC F . 0.51 -26.92 35.47
C5 FUC F . 0.72 -26.32 34.08
C6 FUC F . 0.84 -27.44 33.06
O2 FUC F . 1.86 -24.04 37.24
O3 FUC F . 0.79 -26.41 37.78
O4 FUC F . 1.51 -27.88 35.72
O5 FUC F . 1.91 -25.54 33.95
CL CL G . 24.18 -0.67 -5.41
#